data_1Z6W
#
_entry.id   1Z6W
#
_entity_poly.entity_id   1
_entity_poly.type   'polypeptide(L)'
_entity_poly.pdbx_seq_one_letter_code
;GRRRRSVQWCAVSQPEATKCFQWQRNMRKVRGPPVSCIKRDSPIQCIQA
;
_entity_poly.pdbx_strand_id   A
#
# COMPACT_ATOMS: atom_id res chain seq x y z
N GLY A 1 20.85 -10.47 7.21
CA GLY A 1 21.84 -10.78 6.13
C GLY A 1 21.80 -12.23 5.71
N ARG A 2 20.66 -12.66 5.16
CA ARG A 2 20.50 -14.03 4.71
C ARG A 2 21.20 -14.26 3.37
N ARG A 3 20.74 -13.54 2.34
CA ARG A 3 21.34 -13.67 1.02
C ARG A 3 21.49 -12.32 0.34
N ARG A 4 20.39 -11.76 -0.14
CA ARG A 4 20.40 -10.47 -0.80
C ARG A 4 19.65 -9.42 0.01
N ARG A 5 20.28 -8.26 0.21
CA ARG A 5 19.68 -7.18 0.95
C ARG A 5 18.70 -6.39 0.09
N SER A 6 18.92 -6.46 -1.23
CA SER A 6 18.05 -5.75 -2.18
C SER A 6 17.73 -6.64 -3.38
N VAL A 7 16.45 -6.81 -3.65
CA VAL A 7 16.00 -7.64 -4.77
C VAL A 7 15.76 -6.78 -6.01
N GLN A 8 14.94 -7.28 -6.93
CA GLN A 8 14.63 -6.57 -8.17
C GLN A 8 13.13 -6.36 -8.34
N TRP A 9 12.51 -5.73 -7.34
CA TRP A 9 11.08 -5.45 -7.38
C TRP A 9 10.74 -4.14 -6.69
N CYS A 10 9.46 -3.95 -6.37
CA CYS A 10 9.00 -2.72 -5.72
C CYS A 10 9.63 -2.54 -4.34
N ALA A 11 9.85 -3.64 -3.63
CA ALA A 11 10.43 -3.58 -2.28
C ALA A 11 11.74 -2.81 -2.26
N VAL A 12 12.37 -2.67 -3.43
CA VAL A 12 13.64 -1.94 -3.52
C VAL A 12 13.45 -0.47 -3.18
N SER A 13 12.43 0.15 -3.75
CA SER A 13 12.15 1.56 -3.50
C SER A 13 10.67 1.77 -3.17
N GLN A 14 10.28 1.40 -1.95
CA GLN A 14 8.90 1.56 -1.50
C GLN A 14 8.86 1.91 -0.01
N PRO A 15 9.30 3.14 0.34
CA PRO A 15 9.32 3.59 1.74
C PRO A 15 7.93 3.94 2.26
N GLU A 16 6.91 3.66 1.44
CA GLU A 16 5.54 3.96 1.82
C GLU A 16 4.59 2.88 1.30
N ALA A 17 4.10 2.04 2.22
CA ALA A 17 3.18 0.97 1.86
C ALA A 17 1.82 1.19 2.52
N THR A 18 1.55 2.43 2.91
CA THR A 18 0.30 2.79 3.54
C THR A 18 -0.51 3.73 2.66
N LYS A 19 0.13 4.28 1.64
CA LYS A 19 -0.53 5.20 0.73
C LYS A 19 -1.80 4.60 0.14
N CYS A 20 -1.81 3.27 -0.01
CA CYS A 20 -2.96 2.59 -0.57
C CYS A 20 -4.25 3.07 0.07
N PHE A 21 -4.82 4.12 -0.51
CA PHE A 21 -6.05 4.70 -0.01
C PHE A 21 -6.94 5.16 -1.17
N GLN A 22 -6.35 5.89 -2.12
CA GLN A 22 -7.09 6.34 -3.29
C GLN A 22 -6.19 6.39 -4.52
N TRP A 23 -6.68 5.77 -5.58
CA TRP A 23 -5.96 5.68 -6.85
C TRP A 23 -6.94 5.82 -8.00
N GLN A 24 -7.49 4.69 -8.40
CA GLN A 24 -8.48 4.64 -9.47
C GLN A 24 -9.46 3.51 -9.17
N ARG A 25 -10.73 3.77 -9.47
CA ARG A 25 -11.79 2.78 -9.25
C ARG A 25 -11.37 1.38 -9.68
N ASN A 26 -10.45 1.31 -10.63
CA ASN A 26 -9.98 0.02 -11.12
C ASN A 26 -8.45 -0.04 -11.15
N MET A 27 -7.83 0.14 -9.99
CA MET A 27 -6.37 0.08 -9.87
C MET A 27 -5.87 -1.29 -10.35
N ARG A 28 -6.11 -2.31 -9.52
CA ARG A 28 -5.69 -3.66 -9.85
C ARG A 28 -6.92 -4.52 -10.13
N LYS A 29 -7.78 -4.65 -9.13
CA LYS A 29 -9.01 -5.43 -9.27
C LYS A 29 -10.12 -4.83 -8.42
N VAL A 30 -9.91 -3.60 -7.92
CA VAL A 30 -10.89 -2.92 -7.11
C VAL A 30 -12.16 -2.63 -7.92
N ARG A 31 -13.32 -2.88 -7.29
CA ARG A 31 -14.60 -2.67 -7.95
C ARG A 31 -14.82 -1.20 -8.30
N GLY A 32 -15.64 -0.50 -7.50
CA GLY A 32 -15.91 0.91 -7.75
C GLY A 32 -14.72 1.78 -7.41
N PRO A 33 -14.94 3.08 -7.12
CA PRO A 33 -13.86 4.00 -6.76
C PRO A 33 -12.87 3.36 -5.80
N PRO A 34 -11.61 3.85 -5.73
CA PRO A 34 -10.60 3.30 -4.86
C PRO A 34 -11.13 2.84 -3.52
N VAL A 35 -10.61 1.72 -3.07
CA VAL A 35 -11.04 1.14 -1.80
C VAL A 35 -9.89 0.45 -1.08
N SER A 36 -9.50 -0.74 -1.54
CA SER A 36 -8.40 -1.48 -0.93
C SER A 36 -7.61 -2.26 -1.98
N CYS A 37 -6.29 -2.17 -1.88
CA CYS A 37 -5.41 -2.86 -2.82
C CYS A 37 -4.65 -3.99 -2.14
N ILE A 38 -4.83 -4.11 -0.82
CA ILE A 38 -4.15 -5.15 -0.05
C ILE A 38 -5.08 -6.32 0.21
N LYS A 39 -6.36 -6.13 -0.09
CA LYS A 39 -7.36 -7.18 0.11
C LYS A 39 -7.55 -8.01 -1.15
N ARG A 40 -6.48 -8.64 -1.61
CA ARG A 40 -6.52 -9.47 -2.80
C ARG A 40 -5.75 -10.77 -2.59
N ASP A 41 -4.58 -10.67 -1.99
CA ASP A 41 -3.75 -11.83 -1.74
C ASP A 41 -2.98 -11.66 -0.43
N SER A 42 -2.12 -12.62 -0.12
CA SER A 42 -1.32 -12.58 1.09
C SER A 42 -0.05 -11.76 0.88
N PRO A 43 0.70 -12.02 -0.20
CA PRO A 43 1.93 -11.30 -0.51
C PRO A 43 1.68 -10.08 -1.38
N ILE A 44 2.64 -9.16 -1.41
CA ILE A 44 2.52 -7.95 -2.20
C ILE A 44 2.32 -8.27 -3.68
N GLN A 45 1.45 -7.52 -4.34
CA GLN A 45 1.19 -7.72 -5.77
C GLN A 45 2.12 -6.88 -6.62
N CYS A 46 3.35 -6.71 -6.15
CA CYS A 46 4.35 -5.92 -6.85
C CYS A 46 4.88 -6.68 -8.06
N ILE A 47 6.10 -6.35 -8.48
CA ILE A 47 6.74 -6.99 -9.63
C ILE A 47 6.63 -8.51 -9.57
N GLN A 48 6.93 -9.07 -8.40
CA GLN A 48 6.86 -10.52 -8.21
C GLN A 48 6.00 -10.87 -7.00
N ALA A 49 5.81 -12.17 -6.78
CA ALA A 49 5.01 -12.64 -5.65
C ALA A 49 5.88 -12.85 -4.42
N GLY A 1 9.59 22.52 12.16
CA GLY A 1 10.54 21.37 12.11
C GLY A 1 9.89 20.06 12.52
N ARG A 2 9.70 19.17 11.55
CA ARG A 2 9.09 17.87 11.81
C ARG A 2 10.13 16.84 12.24
N ARG A 3 10.18 16.57 13.55
CA ARG A 3 11.13 15.61 14.09
C ARG A 3 10.47 14.27 14.32
N ARG A 4 10.22 13.54 13.23
CA ARG A 4 9.58 12.23 13.31
C ARG A 4 10.41 11.18 12.57
N ARG A 5 10.55 10.01 13.17
CA ARG A 5 11.31 8.91 12.58
C ARG A 5 10.44 7.66 12.43
N SER A 6 10.18 7.00 13.55
CA SER A 6 9.38 5.78 13.56
C SER A 6 8.01 6.06 14.17
N VAL A 7 6.95 5.67 13.45
CA VAL A 7 5.59 5.87 13.92
C VAL A 7 5.07 4.63 14.65
N GLN A 8 3.76 4.52 14.78
CA GLN A 8 3.14 3.40 15.46
C GLN A 8 3.00 2.19 14.55
N TRP A 9 4.04 1.94 13.75
CA TRP A 9 4.04 0.81 12.84
C TRP A 9 5.44 0.24 12.70
N CYS A 10 5.63 -0.57 11.66
CA CYS A 10 6.92 -1.18 11.40
C CYS A 10 7.44 -0.70 10.05
N ALA A 11 6.59 0.01 9.33
CA ALA A 11 6.94 0.53 8.00
C ALA A 11 7.69 1.84 8.10
N VAL A 12 8.41 2.04 9.20
CA VAL A 12 9.20 3.25 9.40
C VAL A 12 9.98 3.62 8.13
N SER A 13 10.26 2.62 7.31
CA SER A 13 10.99 2.84 6.06
C SER A 13 10.41 1.97 4.93
N GLN A 14 9.26 2.39 4.40
CA GLN A 14 8.62 1.65 3.32
C GLN A 14 8.48 2.51 2.07
N PRO A 15 8.52 1.91 0.87
CA PRO A 15 8.40 2.64 -0.39
C PRO A 15 6.95 2.90 -0.77
N GLU A 16 6.25 3.68 0.06
CA GLU A 16 4.86 4.02 -0.18
C GLU A 16 3.99 2.76 -0.27
N ALA A 17 4.10 1.90 0.74
CA ALA A 17 3.32 0.66 0.77
C ALA A 17 2.07 0.84 1.61
N THR A 18 1.82 2.07 2.03
CA THR A 18 0.65 2.39 2.83
C THR A 18 -0.17 3.47 2.13
N LYS A 19 0.48 4.17 1.20
CA LYS A 19 -0.17 5.22 0.43
C LYS A 19 -1.47 4.72 -0.17
N CYS A 20 -1.52 3.42 -0.45
CA CYS A 20 -2.69 2.78 -1.03
C CYS A 20 -3.96 3.23 -0.32
N PHE A 21 -4.50 4.38 -0.76
CA PHE A 21 -5.70 4.93 -0.16
C PHE A 21 -6.69 5.36 -1.25
N GLN A 22 -6.21 6.13 -2.22
CA GLN A 22 -7.05 6.56 -3.33
C GLN A 22 -6.25 6.67 -4.62
N TRP A 23 -6.78 6.06 -5.66
CA TRP A 23 -6.15 6.02 -6.97
C TRP A 23 -7.21 6.09 -8.06
N GLN A 24 -7.72 4.92 -8.42
CA GLN A 24 -8.75 4.79 -9.42
C GLN A 24 -9.65 3.61 -9.05
N ARG A 25 -10.95 3.78 -9.24
CA ARG A 25 -11.93 2.73 -8.92
C ARG A 25 -11.48 1.36 -9.43
N ASN A 26 -10.58 1.34 -10.40
CA ASN A 26 -10.08 0.09 -10.95
C ASN A 26 -8.56 0.11 -11.11
N MET A 27 -7.86 0.33 -9.99
CA MET A 27 -6.40 0.36 -9.99
C MET A 27 -5.83 -0.95 -10.51
N ARG A 28 -6.20 -2.05 -9.87
CA ARG A 28 -5.72 -3.38 -10.26
C ARG A 28 -6.84 -4.41 -10.17
N LYS A 29 -7.44 -4.52 -8.99
CA LYS A 29 -8.53 -5.47 -8.77
C LYS A 29 -9.74 -4.79 -8.12
N VAL A 30 -9.53 -3.59 -7.60
CA VAL A 30 -10.60 -2.84 -6.96
C VAL A 30 -11.77 -2.62 -7.92
N ARG A 31 -12.97 -2.88 -7.43
CA ARG A 31 -14.18 -2.71 -8.25
C ARG A 31 -14.65 -1.27 -8.24
N GLY A 32 -15.32 -0.87 -7.17
CA GLY A 32 -15.80 0.50 -7.06
C GLY A 32 -14.66 1.48 -6.85
N PRO A 33 -14.96 2.75 -6.51
CA PRO A 33 -13.92 3.76 -6.27
C PRO A 33 -12.79 3.22 -5.39
N PRO A 34 -11.59 3.82 -5.44
CA PRO A 34 -10.46 3.37 -4.65
C PRO A 34 -10.84 2.91 -3.26
N VAL A 35 -10.27 1.80 -2.86
CA VAL A 35 -10.55 1.22 -1.55
C VAL A 35 -9.33 0.53 -0.95
N SER A 36 -9.01 -0.66 -1.46
CA SER A 36 -7.86 -1.42 -0.96
C SER A 36 -7.12 -2.09 -2.11
N CYS A 37 -5.80 -1.90 -2.13
CA CYS A 37 -4.96 -2.48 -3.18
C CYS A 37 -3.76 -3.21 -2.59
N ILE A 38 -3.75 -3.35 -1.26
CA ILE A 38 -2.64 -4.02 -0.59
C ILE A 38 -3.14 -5.20 0.27
N LYS A 39 -3.35 -6.33 -0.39
CA LYS A 39 -3.80 -7.53 0.29
C LYS A 39 -2.87 -8.70 -0.01
N ARG A 40 -1.62 -8.37 -0.34
CA ARG A 40 -0.62 -9.37 -0.67
C ARG A 40 0.56 -9.29 0.28
N ASP A 41 1.25 -8.15 0.25
CA ASP A 41 2.41 -7.91 1.08
C ASP A 41 2.16 -8.31 2.52
N SER A 42 2.81 -9.39 2.94
CA SER A 42 2.68 -9.90 4.30
C SER A 42 3.72 -9.28 5.23
N PRO A 43 5.01 -9.24 4.82
CA PRO A 43 6.08 -8.66 5.64
C PRO A 43 5.78 -7.24 6.08
N ILE A 44 5.60 -6.34 5.11
CA ILE A 44 5.31 -4.94 5.41
C ILE A 44 3.82 -4.74 5.71
N GLN A 45 3.22 -5.74 6.34
CA GLN A 45 1.80 -5.68 6.70
C GLN A 45 1.66 -5.51 8.21
N CYS A 46 2.64 -4.84 8.81
CA CYS A 46 2.65 -4.61 10.25
C CYS A 46 1.44 -3.79 10.69
N ILE A 47 1.55 -2.48 10.54
CA ILE A 47 0.48 -1.57 10.93
C ILE A 47 0.26 -0.50 9.87
N GLN A 48 -0.79 -0.67 9.07
CA GLN A 48 -1.11 0.28 8.01
C GLN A 48 -1.76 1.54 8.59
N ALA A 49 -0.97 2.60 8.70
CA ALA A 49 -1.46 3.87 9.23
C ALA A 49 -1.60 4.91 8.12
N GLY A 1 -4.49 14.03 -1.21
CA GLY A 1 -3.09 14.36 -1.56
C GLY A 1 -2.15 13.19 -1.36
N ARG A 2 -0.92 13.32 -1.86
CA ARG A 2 0.08 12.26 -1.74
C ARG A 2 1.32 12.78 -1.02
N ARG A 3 1.20 13.95 -0.42
CA ARG A 3 2.32 14.56 0.31
C ARG A 3 2.19 14.31 1.81
N ARG A 4 3.13 13.57 2.37
CA ARG A 4 3.12 13.27 3.79
C ARG A 4 4.26 13.98 4.52
N ARG A 5 3.98 14.45 5.73
CA ARG A 5 4.98 15.16 6.53
C ARG A 5 5.80 14.18 7.37
N SER A 6 7.03 14.58 7.70
CA SER A 6 7.91 13.76 8.50
C SER A 6 7.53 13.83 9.98
N VAL A 7 6.60 12.96 10.38
CA VAL A 7 6.14 12.94 11.76
C VAL A 7 6.99 11.98 12.61
N GLN A 8 6.67 11.89 13.90
CA GLN A 8 7.40 11.04 14.83
C GLN A 8 7.02 9.57 14.68
N TRP A 9 7.15 9.05 13.46
CA TRP A 9 6.82 7.67 13.17
C TRP A 9 7.73 7.11 12.08
N CYS A 10 7.34 6.00 11.47
CA CYS A 10 8.15 5.39 10.42
C CYS A 10 7.57 5.68 9.04
N ALA A 11 6.32 6.11 8.99
CA ALA A 11 5.65 6.42 7.73
C ALA A 11 6.31 7.61 7.02
N VAL A 12 7.37 8.14 7.61
CA VAL A 12 8.09 9.27 7.03
C VAL A 12 8.56 8.94 5.63
N SER A 13 8.88 7.66 5.39
CA SER A 13 9.34 7.21 4.09
C SER A 13 8.78 5.83 3.75
N GLN A 14 7.68 5.81 3.01
CA GLN A 14 7.04 4.56 2.62
C GLN A 14 6.81 4.51 1.11
N PRO A 15 6.99 3.34 0.48
CA PRO A 15 6.78 3.19 -0.97
C PRO A 15 5.31 3.22 -1.36
N GLU A 16 4.56 2.21 -0.94
CA GLU A 16 3.13 2.14 -1.25
C GLU A 16 2.46 1.04 -0.42
N ALA A 17 3.23 0.42 0.46
CA ALA A 17 2.70 -0.64 1.32
C ALA A 17 1.78 -0.06 2.37
N THR A 18 1.56 1.24 2.29
CA THR A 18 0.70 1.96 3.21
C THR A 18 -0.04 3.09 2.50
N LYS A 19 0.61 3.68 1.51
CA LYS A 19 0.02 4.77 0.75
C LYS A 19 -1.29 4.34 0.10
N CYS A 20 -1.39 3.05 -0.17
CA CYS A 20 -2.58 2.47 -0.80
C CYS A 20 -3.86 3.02 -0.16
N PHE A 21 -4.32 4.14 -0.69
CA PHE A 21 -5.53 4.79 -0.19
C PHE A 21 -6.38 5.30 -1.35
N GLN A 22 -5.74 6.01 -2.27
CA GLN A 22 -6.43 6.53 -3.45
C GLN A 22 -5.51 6.54 -4.67
N TRP A 23 -6.02 5.98 -5.74
CA TRP A 23 -5.28 5.87 -6.99
C TRP A 23 -6.23 6.00 -8.17
N GLN A 24 -6.86 4.87 -8.50
CA GLN A 24 -7.84 4.81 -9.56
C GLN A 24 -8.89 3.78 -9.21
N ARG A 25 -10.15 4.11 -9.47
CA ARG A 25 -11.27 3.23 -9.18
C ARG A 25 -10.98 1.78 -9.58
N ASN A 26 -10.08 1.61 -10.56
CA ASN A 26 -9.72 0.28 -11.02
C ASN A 26 -8.20 0.14 -11.13
N MET A 27 -7.53 0.13 -9.99
CA MET A 27 -6.08 -0.02 -9.98
C MET A 27 -5.67 -1.36 -10.58
N ARG A 28 -6.23 -2.43 -10.03
CA ARG A 28 -5.95 -3.78 -10.51
C ARG A 28 -7.22 -4.62 -10.46
N LYS A 29 -7.73 -4.81 -9.24
CA LYS A 29 -8.95 -5.57 -9.03
C LYS A 29 -9.67 -5.06 -7.78
N VAL A 30 -9.52 -3.77 -7.51
CA VAL A 30 -10.13 -3.14 -6.35
C VAL A 30 -11.64 -2.97 -6.53
N ARG A 31 -12.28 -2.36 -5.53
CA ARG A 31 -13.73 -2.14 -5.57
C ARG A 31 -14.09 -1.01 -6.54
N GLY A 32 -15.24 -0.37 -6.31
CA GLY A 32 -15.67 0.72 -7.17
C GLY A 32 -14.59 1.79 -7.30
N PRO A 33 -14.65 2.86 -6.48
CA PRO A 33 -13.64 3.92 -6.52
C PRO A 33 -12.34 3.44 -5.88
N PRO A 34 -11.24 4.20 -6.01
CA PRO A 34 -9.96 3.78 -5.42
C PRO A 34 -10.05 3.85 -3.91
N VAL A 35 -9.80 2.72 -3.26
CA VAL A 35 -9.93 2.68 -1.81
C VAL A 35 -8.95 1.71 -1.14
N SER A 36 -8.96 0.44 -1.54
CA SER A 36 -8.08 -0.56 -0.95
C SER A 36 -7.54 -1.50 -2.01
N CYS A 37 -6.23 -1.76 -1.94
CA CYS A 37 -5.57 -2.64 -2.89
C CYS A 37 -4.93 -3.82 -2.16
N ILE A 38 -4.43 -3.54 -0.96
CA ILE A 38 -3.79 -4.56 -0.14
C ILE A 38 -4.21 -4.43 1.32
N LYS A 39 -5.28 -5.10 1.69
CA LYS A 39 -5.80 -5.06 3.05
C LYS A 39 -5.14 -6.13 3.92
N ARG A 40 -3.96 -5.82 4.44
CA ARG A 40 -3.21 -6.74 5.28
C ARG A 40 -3.16 -6.25 6.72
N ASP A 41 -3.01 -4.94 6.88
CA ASP A 41 -2.92 -4.34 8.20
C ASP A 41 -4.18 -3.53 8.53
N SER A 42 -4.89 -3.97 9.56
CA SER A 42 -6.11 -3.30 9.99
C SER A 42 -5.82 -2.19 11.00
N PRO A 43 -4.97 -2.45 12.03
CA PRO A 43 -4.64 -1.46 13.05
C PRO A 43 -3.64 -0.42 12.54
N ILE A 44 -3.00 0.28 13.46
CA ILE A 44 -2.02 1.31 13.10
C ILE A 44 -1.08 0.81 12.00
N GLN A 45 -0.87 1.66 11.00
CA GLN A 45 0.00 1.32 9.87
C GLN A 45 1.41 1.01 10.34
N CYS A 46 1.95 1.88 11.21
CA CYS A 46 3.29 1.70 11.73
C CYS A 46 3.38 2.18 13.17
N ILE A 47 3.62 3.48 13.34
CA ILE A 47 3.72 4.06 14.68
C ILE A 47 2.65 5.13 14.88
N GLN A 48 1.92 5.04 15.99
CA GLN A 48 0.86 6.00 16.30
C GLN A 48 1.39 7.44 16.28
N ALA A 49 1.04 8.17 15.24
CA ALA A 49 1.48 9.56 15.10
C ALA A 49 0.60 10.32 14.13
N GLY A 1 25.65 5.63 14.37
CA GLY A 1 24.48 5.80 13.47
C GLY A 1 23.16 5.79 14.24
N ARG A 2 22.26 6.69 13.85
CA ARG A 2 20.96 6.80 14.51
C ARG A 2 19.84 6.93 13.48
N ARG A 3 20.13 6.54 12.24
CA ARG A 3 19.15 6.61 11.17
C ARG A 3 19.15 5.33 10.34
N ARG A 4 17.95 4.91 9.90
CA ARG A 4 17.81 3.71 9.11
C ARG A 4 18.67 3.78 7.85
N ARG A 5 19.35 2.68 7.55
CA ARG A 5 20.21 2.61 6.37
C ARG A 5 19.40 2.80 5.10
N SER A 6 19.99 3.49 4.12
CA SER A 6 19.31 3.74 2.86
C SER A 6 19.84 2.82 1.76
N VAL A 7 18.95 2.47 0.83
CA VAL A 7 19.33 1.60 -0.28
C VAL A 7 19.08 2.30 -1.62
N GLN A 8 18.98 1.52 -2.69
CA GLN A 8 18.77 2.08 -4.03
C GLN A 8 17.41 1.68 -4.60
N TRP A 9 16.35 1.88 -3.82
CA TRP A 9 15.00 1.55 -4.27
C TRP A 9 13.98 2.52 -3.71
N CYS A 10 12.71 2.15 -3.74
CA CYS A 10 11.63 3.00 -3.25
C CYS A 10 11.28 2.71 -1.80
N ALA A 11 11.61 1.51 -1.32
CA ALA A 11 11.33 1.12 0.05
C ALA A 11 12.23 1.82 1.05
N VAL A 12 12.96 2.84 0.59
CA VAL A 12 13.86 3.60 1.46
C VAL A 12 13.10 4.23 2.62
N SER A 13 12.06 5.00 2.29
CA SER A 13 11.27 5.66 3.31
C SER A 13 9.94 4.93 3.54
N GLN A 14 9.32 4.50 2.44
CA GLN A 14 8.05 3.78 2.52
C GLN A 14 7.96 2.71 1.43
N PRO A 15 7.54 1.48 1.79
CA PRO A 15 7.41 0.38 0.82
C PRO A 15 6.11 0.46 0.02
N GLU A 16 4.99 0.59 0.73
CA GLU A 16 3.69 0.68 0.08
C GLU A 16 2.60 1.01 1.10
N ALA A 17 3.01 1.36 2.31
CA ALA A 17 2.08 1.71 3.37
C ALA A 17 1.78 3.21 3.37
N THR A 18 1.86 3.82 2.20
CA THR A 18 1.60 5.25 2.07
C THR A 18 0.81 5.55 0.79
N LYS A 19 1.15 4.85 -0.28
CA LYS A 19 0.47 5.05 -1.56
C LYS A 19 -0.95 4.51 -1.52
N CYS A 20 -1.09 3.24 -1.13
CA CYS A 20 -2.38 2.56 -1.07
C CYS A 20 -3.41 3.40 -0.31
N PHE A 21 -4.03 4.33 -1.01
CA PHE A 21 -5.04 5.19 -0.41
C PHE A 21 -6.14 5.53 -1.43
N GLN A 22 -5.77 6.26 -2.49
CA GLN A 22 -6.74 6.61 -3.53
C GLN A 22 -6.08 6.69 -4.90
N TRP A 23 -6.72 6.05 -5.86
CA TRP A 23 -6.25 5.99 -7.23
C TRP A 23 -7.44 6.10 -8.17
N GLN A 24 -7.97 4.94 -8.53
CA GLN A 24 -9.14 4.86 -9.39
C GLN A 24 -9.94 3.62 -9.01
N ARG A 25 -11.26 3.73 -9.10
CA ARG A 25 -12.16 2.61 -8.78
C ARG A 25 -11.67 1.29 -9.38
N ASN A 26 -10.73 1.36 -10.32
CA ASN A 26 -10.17 0.17 -10.94
C ASN A 26 -8.68 0.34 -11.23
N MET A 27 -7.89 0.56 -10.18
CA MET A 27 -6.45 0.73 -10.33
C MET A 27 -5.84 -0.50 -10.99
N ARG A 28 -6.25 -1.67 -10.50
CA ARG A 28 -5.76 -2.94 -11.04
C ARG A 28 -6.89 -3.96 -11.05
N LYS A 29 -7.44 -4.22 -9.86
CA LYS A 29 -8.52 -5.17 -9.70
C LYS A 29 -9.43 -4.78 -8.55
N VAL A 30 -9.29 -3.53 -8.09
CA VAL A 30 -10.10 -3.03 -7.00
C VAL A 30 -11.55 -2.89 -7.43
N ARG A 31 -12.46 -3.32 -6.55
CA ARG A 31 -13.89 -3.27 -6.83
C ARG A 31 -14.36 -1.86 -7.22
N GLY A 32 -15.03 -1.17 -6.30
CA GLY A 32 -15.50 0.18 -6.58
C GLY A 32 -14.38 1.19 -6.42
N PRO A 33 -14.70 2.45 -6.04
CA PRO A 33 -13.68 3.49 -5.84
C PRO A 33 -12.49 2.95 -5.04
N PRO A 34 -11.30 3.57 -5.19
CA PRO A 34 -10.10 3.13 -4.48
C PRO A 34 -10.40 2.63 -3.08
N VAL A 35 -9.82 1.50 -2.74
CA VAL A 35 -10.04 0.89 -1.44
C VAL A 35 -8.81 0.16 -0.91
N SER A 36 -8.45 -0.96 -1.53
CA SER A 36 -7.29 -1.73 -1.10
C SER A 36 -6.46 -2.20 -2.29
N CYS A 37 -5.14 -2.12 -2.13
CA CYS A 37 -4.22 -2.53 -3.18
C CYS A 37 -3.06 -3.34 -2.60
N ILE A 38 -3.28 -3.93 -1.43
CA ILE A 38 -2.25 -4.72 -0.77
C ILE A 38 -2.03 -6.06 -1.47
N LYS A 39 -3.07 -6.56 -2.13
CA LYS A 39 -2.99 -7.84 -2.84
C LYS A 39 -2.13 -7.72 -4.09
N ARG A 40 -0.81 -7.77 -3.92
CA ARG A 40 0.11 -7.66 -5.04
C ARG A 40 1.31 -8.57 -4.86
N ASP A 41 2.35 -8.32 -5.66
CA ASP A 41 3.57 -9.10 -5.62
C ASP A 41 4.09 -9.25 -4.20
N SER A 42 4.31 -10.50 -3.81
CA SER A 42 4.81 -10.82 -2.48
C SER A 42 6.27 -10.39 -2.31
N PRO A 43 7.14 -10.66 -3.32
CA PRO A 43 8.55 -10.28 -3.24
C PRO A 43 8.77 -8.79 -3.45
N ILE A 44 8.29 -8.29 -4.58
CA ILE A 44 8.41 -6.86 -4.90
C ILE A 44 7.22 -6.08 -4.38
N GLN A 45 7.44 -4.83 -4.02
CA GLN A 45 6.36 -3.99 -3.51
C GLN A 45 6.24 -2.69 -4.29
N CYS A 46 7.18 -1.77 -4.09
CA CYS A 46 7.15 -0.49 -4.77
C CYS A 46 7.75 -0.58 -6.17
N ILE A 47 9.07 -0.61 -6.26
CA ILE A 47 9.75 -0.69 -7.55
C ILE A 47 10.25 -2.12 -7.82
N GLN A 48 11.36 -2.49 -7.19
CA GLN A 48 11.93 -3.83 -7.36
C GLN A 48 12.86 -4.17 -6.20
N ALA A 49 12.71 -5.39 -5.69
CA ALA A 49 13.54 -5.86 -4.59
C ALA A 49 14.71 -6.70 -5.09
N GLY A 1 18.60 -1.66 -24.51
CA GLY A 1 18.82 -2.87 -23.65
C GLY A 1 18.05 -2.80 -22.35
N ARG A 2 16.80 -2.38 -22.42
CA ARG A 2 15.96 -2.25 -21.23
C ARG A 2 15.67 -3.64 -20.64
N ARG A 3 16.51 -4.06 -19.70
CA ARG A 3 16.34 -5.36 -19.06
C ARG A 3 15.72 -5.22 -17.68
N ARG A 4 16.43 -4.55 -16.77
CA ARG A 4 15.94 -4.35 -15.41
C ARG A 4 14.94 -3.21 -15.37
N ARG A 5 13.71 -3.51 -14.92
CA ARG A 5 12.66 -2.51 -14.84
C ARG A 5 11.63 -2.88 -13.78
N SER A 6 11.00 -4.04 -13.96
CA SER A 6 9.99 -4.51 -13.03
C SER A 6 10.26 -5.96 -12.63
N VAL A 7 10.05 -6.27 -11.36
CA VAL A 7 10.26 -7.62 -10.85
C VAL A 7 9.01 -8.47 -11.01
N GLN A 8 9.08 -9.72 -10.57
CA GLN A 8 7.96 -10.65 -10.70
C GLN A 8 6.96 -10.54 -9.55
N TRP A 9 6.62 -9.32 -9.17
CA TRP A 9 5.67 -9.09 -8.09
C TRP A 9 4.83 -7.85 -8.34
N CYS A 10 4.22 -7.32 -7.27
CA CYS A 10 3.38 -6.13 -7.38
C CYS A 10 4.02 -4.94 -6.69
N ALA A 11 5.05 -5.19 -5.88
CA ALA A 11 5.74 -4.14 -5.16
C ALA A 11 6.74 -3.41 -6.05
N VAL A 12 6.59 -3.56 -7.36
CA VAL A 12 7.48 -2.92 -8.31
C VAL A 12 7.49 -1.40 -8.10
N SER A 13 6.34 -0.86 -7.74
CA SER A 13 6.20 0.58 -7.51
C SER A 13 5.39 0.85 -6.25
N GLN A 14 5.88 0.38 -5.10
CA GLN A 14 5.20 0.58 -3.83
C GLN A 14 6.18 0.98 -2.74
N PRO A 15 6.55 2.28 -2.69
CA PRO A 15 7.51 2.79 -1.70
C PRO A 15 6.92 2.81 -0.29
N GLU A 16 5.61 2.65 -0.18
CA GLU A 16 4.93 2.65 1.11
C GLU A 16 3.64 1.85 1.04
N ALA A 17 3.17 1.38 2.19
CA ALA A 17 1.94 0.60 2.25
C ALA A 17 0.96 1.15 3.29
N THR A 18 0.80 2.46 3.29
CA THR A 18 -0.12 3.11 4.23
C THR A 18 -0.98 4.15 3.52
N LYS A 19 -0.44 4.72 2.45
CA LYS A 19 -1.16 5.72 1.68
C LYS A 19 -2.38 5.12 1.01
N CYS A 20 -2.37 3.81 0.83
CA CYS A 20 -3.47 3.09 0.20
C CYS A 20 -4.82 3.57 0.72
N PHE A 21 -5.36 4.60 0.06
CA PHE A 21 -6.65 5.16 0.44
C PHE A 21 -7.41 5.60 -0.81
N GLN A 22 -6.74 6.36 -1.67
CA GLN A 22 -7.33 6.80 -2.92
C GLN A 22 -6.29 6.89 -4.02
N TRP A 23 -6.60 6.26 -5.14
CA TRP A 23 -5.72 6.19 -6.29
C TRP A 23 -6.56 6.22 -7.56
N GLN A 24 -6.95 5.04 -7.99
CA GLN A 24 -7.79 4.87 -9.16
C GLN A 24 -8.71 3.68 -8.96
N ARG A 25 -9.96 3.84 -9.37
CA ARG A 25 -10.96 2.78 -9.25
C ARG A 25 -10.41 1.43 -9.66
N ASN A 26 -9.34 1.43 -10.43
CA ASN A 26 -8.71 0.20 -10.89
C ASN A 26 -7.19 0.28 -10.75
N MET A 27 -6.71 0.38 -9.52
CA MET A 27 -5.29 0.47 -9.26
C MET A 27 -4.59 -0.83 -9.65
N ARG A 28 -5.14 -1.94 -9.16
CA ARG A 28 -4.60 -3.26 -9.46
C ARG A 28 -5.72 -4.27 -9.67
N LYS A 29 -6.45 -4.54 -8.60
CA LYS A 29 -7.56 -5.48 -8.65
C LYS A 29 -8.67 -5.06 -7.70
N VAL A 30 -8.72 -3.75 -7.39
CA VAL A 30 -9.73 -3.22 -6.50
C VAL A 30 -11.09 -3.18 -7.18
N ARG A 31 -12.13 -2.91 -6.39
CA ARG A 31 -13.49 -2.85 -6.90
C ARG A 31 -13.75 -1.56 -7.70
N GLY A 32 -14.87 -0.90 -7.41
CA GLY A 32 -15.20 0.34 -8.10
C GLY A 32 -14.21 1.46 -7.81
N PRO A 33 -14.67 2.68 -7.51
CA PRO A 33 -13.81 3.83 -7.21
C PRO A 33 -12.67 3.44 -6.27
N PRO A 34 -11.57 4.20 -6.25
CA PRO A 34 -10.42 3.89 -5.38
C PRO A 34 -10.82 3.96 -3.92
N VAL A 35 -10.50 2.91 -3.19
CA VAL A 35 -10.87 2.82 -1.79
C VAL A 35 -9.81 2.07 -0.97
N SER A 36 -9.81 0.74 -1.09
CA SER A 36 -8.86 -0.08 -0.34
C SER A 36 -8.08 -1.00 -1.28
N CYS A 37 -6.84 -1.27 -0.92
CA CYS A 37 -5.97 -2.14 -1.73
C CYS A 37 -5.10 -3.01 -0.83
N ILE A 38 -5.48 -3.12 0.44
CA ILE A 38 -4.73 -3.91 1.40
C ILE A 38 -5.14 -5.39 1.32
N LYS A 39 -5.97 -5.71 0.34
CA LYS A 39 -6.42 -7.08 0.15
C LYS A 39 -5.26 -8.00 -0.22
N ARG A 40 -4.54 -8.47 0.79
CA ARG A 40 -3.40 -9.35 0.58
C ARG A 40 -3.55 -10.62 1.42
N ASP A 41 -2.44 -11.29 1.67
CA ASP A 41 -2.44 -12.51 2.45
C ASP A 41 -1.32 -12.49 3.49
N SER A 42 -1.19 -13.58 4.22
CA SER A 42 -0.17 -13.70 5.25
C SER A 42 1.14 -14.26 4.69
N PRO A 43 1.09 -15.35 3.89
CA PRO A 43 2.29 -15.97 3.31
C PRO A 43 3.10 -14.98 2.47
N ILE A 44 2.50 -14.46 1.41
CA ILE A 44 3.17 -13.51 0.54
C ILE A 44 2.34 -12.24 0.35
N GLN A 45 3.01 -11.13 0.07
CA GLN A 45 2.33 -9.85 -0.11
C GLN A 45 1.31 -9.93 -1.25
N CYS A 46 1.82 -9.90 -2.48
CA CYS A 46 0.95 -9.95 -3.65
C CYS A 46 1.21 -11.21 -4.49
N ILE A 47 2.43 -11.35 -4.98
CA ILE A 47 2.80 -12.51 -5.79
C ILE A 47 3.93 -13.31 -5.15
N GLN A 48 5.15 -12.78 -5.24
CA GLN A 48 6.31 -13.45 -4.67
C GLN A 48 7.33 -12.42 -4.17
N ALA A 49 8.35 -12.89 -3.47
CA ALA A 49 9.38 -12.01 -2.95
C ALA A 49 10.78 -12.54 -3.27
N GLY A 1 -0.43 19.62 11.12
CA GLY A 1 0.53 19.89 10.02
C GLY A 1 1.66 18.89 9.96
N ARG A 2 1.89 18.20 11.08
CA ARG A 2 2.95 17.19 11.16
C ARG A 2 2.38 15.83 11.54
N ARG A 3 1.78 15.16 10.57
CA ARG A 3 1.19 13.85 10.79
C ARG A 3 2.27 12.77 10.85
N ARG A 4 1.89 11.58 11.29
CA ARG A 4 2.82 10.45 11.40
C ARG A 4 2.59 9.45 10.28
N ARG A 5 3.67 9.03 9.63
CA ARG A 5 3.59 8.06 8.55
C ARG A 5 4.55 6.89 8.78
N SER A 6 5.77 7.21 9.19
CA SER A 6 6.78 6.19 9.45
C SER A 6 6.88 5.88 10.94
N VAL A 7 6.75 4.61 11.29
CA VAL A 7 6.83 4.18 12.69
C VAL A 7 7.98 3.22 12.89
N GLN A 8 7.95 2.46 13.99
CA GLN A 8 9.01 1.51 14.31
C GLN A 8 8.74 0.14 13.69
N TRP A 9 8.53 0.11 12.38
CA TRP A 9 8.26 -1.14 11.67
C TRP A 9 8.84 -1.12 10.26
N CYS A 10 8.44 -2.09 9.44
CA CYS A 10 8.92 -2.17 8.06
C CYS A 10 8.21 -1.20 7.14
N ALA A 11 7.01 -0.78 7.54
CA ALA A 11 6.21 0.15 6.73
C ALA A 11 6.97 1.45 6.45
N VAL A 12 8.11 1.64 7.10
CA VAL A 12 8.92 2.84 6.90
C VAL A 12 9.18 3.11 5.43
N SER A 13 9.56 2.06 4.70
CA SER A 13 9.84 2.17 3.27
C SER A 13 8.99 1.21 2.47
N GLN A 14 7.90 1.71 1.89
CA GLN A 14 7.01 0.88 1.09
C GLN A 14 6.54 1.64 -0.15
N PRO A 15 6.29 0.91 -1.27
CA PRO A 15 5.84 1.53 -2.52
C PRO A 15 4.58 2.37 -2.35
N GLU A 16 3.43 1.70 -2.25
CA GLU A 16 2.15 2.39 -2.08
C GLU A 16 1.28 1.68 -1.06
N ALA A 17 1.89 0.85 -0.22
CA ALA A 17 1.15 0.12 0.80
C ALA A 17 0.88 1.00 2.01
N THR A 18 1.21 2.28 1.87
CA THR A 18 1.00 3.24 2.95
C THR A 18 -0.01 4.29 2.51
N LYS A 19 0.04 4.62 1.23
CA LYS A 19 -0.89 5.59 0.67
C LYS A 19 -2.04 4.85 0.03
N CYS A 20 -2.63 4.00 0.83
CA CYS A 20 -3.76 3.21 0.40
C CYS A 20 -5.01 4.05 0.51
N PHE A 21 -4.86 5.32 0.13
CA PHE A 21 -5.93 6.30 0.18
C PHE A 21 -6.79 6.29 -1.07
N GLN A 22 -6.38 7.06 -2.07
CA GLN A 22 -7.14 7.14 -3.30
C GLN A 22 -6.24 7.22 -4.51
N TRP A 23 -6.40 6.22 -5.35
CA TRP A 23 -5.66 6.09 -6.59
C TRP A 23 -6.65 6.15 -7.73
N GLN A 24 -7.19 4.98 -8.05
CA GLN A 24 -8.19 4.85 -9.09
C GLN A 24 -9.06 3.65 -8.77
N ARG A 25 -10.31 3.68 -9.21
CA ARG A 25 -11.24 2.57 -8.98
C ARG A 25 -10.57 1.23 -9.21
N ASN A 26 -9.50 1.21 -10.00
CA ASN A 26 -8.78 -0.03 -10.26
C ASN A 26 -7.29 0.21 -10.47
N MET A 27 -6.59 0.60 -9.39
CA MET A 27 -5.15 0.85 -9.46
C MET A 27 -4.43 -0.41 -9.91
N ARG A 28 -5.02 -1.55 -9.58
CA ARG A 28 -4.48 -2.85 -9.95
C ARG A 28 -5.62 -3.80 -10.25
N LYS A 29 -6.46 -4.04 -9.24
CA LYS A 29 -7.61 -4.92 -9.37
C LYS A 29 -8.59 -4.70 -8.21
N VAL A 30 -8.51 -3.53 -7.60
CA VAL A 30 -9.39 -3.19 -6.49
C VAL A 30 -10.84 -3.08 -6.96
N ARG A 31 -11.77 -3.10 -6.03
CA ARG A 31 -13.20 -3.01 -6.35
C ARG A 31 -13.53 -1.68 -7.03
N GLY A 32 -14.59 -1.01 -6.56
CA GLY A 32 -14.95 0.27 -7.12
C GLY A 32 -13.88 1.31 -6.87
N PRO A 33 -14.24 2.58 -6.58
CA PRO A 33 -13.25 3.63 -6.30
C PRO A 33 -12.20 3.11 -5.32
N PRO A 34 -10.99 3.72 -5.29
CA PRO A 34 -9.93 3.28 -4.40
C PRO A 34 -10.44 2.81 -3.06
N VAL A 35 -9.96 1.66 -2.62
CA VAL A 35 -10.41 1.09 -1.37
C VAL A 35 -9.30 0.33 -0.62
N SER A 36 -8.92 -0.84 -1.13
CA SER A 36 -7.89 -1.64 -0.49
C SER A 36 -6.66 -1.81 -1.38
N CYS A 37 -5.49 -1.64 -0.78
CA CYS A 37 -4.23 -1.79 -1.50
C CYS A 37 -3.67 -3.20 -1.32
N ILE A 38 -3.71 -3.67 -0.08
CA ILE A 38 -3.21 -5.00 0.24
C ILE A 38 -4.37 -5.99 0.41
N LYS A 39 -4.20 -7.18 -0.15
CA LYS A 39 -5.24 -8.20 -0.07
C LYS A 39 -4.67 -9.56 0.37
N ARG A 40 -4.07 -9.59 1.56
CA ARG A 40 -3.49 -10.82 2.09
C ARG A 40 -3.66 -10.91 3.60
N ASP A 41 -3.45 -9.78 4.27
CA ASP A 41 -3.56 -9.72 5.71
C ASP A 41 -4.12 -8.38 6.17
N SER A 42 -5.14 -8.44 7.03
CA SER A 42 -5.76 -7.23 7.56
C SER A 42 -5.15 -6.79 8.89
N PRO A 43 -4.89 -7.73 9.83
CA PRO A 43 -4.31 -7.38 11.13
C PRO A 43 -2.81 -7.07 11.05
N ILE A 44 -2.10 -7.89 10.29
CA ILE A 44 -0.66 -7.69 10.13
C ILE A 44 -0.34 -7.12 8.75
N GLN A 45 0.23 -5.92 8.73
CA GLN A 45 0.57 -5.26 7.47
C GLN A 45 1.89 -5.79 6.91
N CYS A 46 2.93 -5.76 7.74
CA CYS A 46 4.24 -6.23 7.32
C CYS A 46 4.88 -7.12 8.39
N ILE A 47 5.40 -6.50 9.44
CA ILE A 47 6.03 -7.24 10.53
C ILE A 47 5.14 -7.28 11.77
N GLN A 48 5.06 -6.15 12.47
CA GLN A 48 4.24 -6.07 13.68
C GLN A 48 3.34 -4.84 13.64
N ALA A 49 2.73 -4.51 14.77
CA ALA A 49 1.85 -3.36 14.88
C ALA A 49 2.61 -2.11 15.28
N GLY A 1 8.03 -8.42 23.68
CA GLY A 1 6.74 -8.40 22.96
C GLY A 1 6.89 -8.62 21.46
N ARG A 2 5.81 -8.43 20.72
CA ARG A 2 5.84 -8.61 19.27
C ARG A 2 6.27 -7.32 18.57
N ARG A 3 7.14 -7.45 17.57
CA ARG A 3 7.64 -6.29 16.84
C ARG A 3 7.82 -6.63 15.36
N ARG A 4 6.85 -6.23 14.53
CA ARG A 4 6.90 -6.48 13.10
C ARG A 4 7.30 -5.21 12.34
N ARG A 5 8.33 -5.33 11.51
CA ARG A 5 8.81 -4.20 10.73
C ARG A 5 9.09 -4.60 9.28
N SER A 6 10.26 -5.18 9.04
CA SER A 6 10.64 -5.61 7.70
C SER A 6 10.81 -7.12 7.65
N VAL A 7 9.74 -7.83 7.33
CA VAL A 7 9.77 -9.29 7.24
C VAL A 7 9.62 -9.75 5.80
N GLN A 8 9.19 -10.98 5.62
CA GLN A 8 9.02 -11.56 4.28
C GLN A 8 7.68 -11.17 3.65
N TRP A 9 7.45 -9.86 3.54
CA TRP A 9 6.22 -9.35 2.95
C TRP A 9 6.46 -8.04 2.20
N CYS A 10 5.39 -7.38 1.77
CA CYS A 10 5.50 -6.12 1.04
C CYS A 10 5.88 -4.96 1.95
N ALA A 11 5.68 -5.12 3.24
CA ALA A 11 6.01 -4.07 4.21
C ALA A 11 7.37 -3.45 3.91
N VAL A 12 8.36 -4.30 3.62
CA VAL A 12 9.71 -3.84 3.31
C VAL A 12 9.87 -3.59 1.81
N SER A 13 9.03 -4.27 1.02
CA SER A 13 9.08 -4.13 -0.43
C SER A 13 8.15 -3.01 -0.89
N GLN A 14 7.79 -2.12 0.03
CA GLN A 14 6.91 -1.01 -0.29
C GLN A 14 7.33 0.26 0.46
N PRO A 15 8.06 1.18 -0.20
CA PRO A 15 8.51 2.42 0.43
C PRO A 15 7.37 3.24 1.00
N GLU A 16 6.28 3.33 0.24
CA GLU A 16 5.10 4.09 0.66
C GLU A 16 3.91 3.15 0.86
N ALA A 17 3.85 2.52 2.03
CA ALA A 17 2.77 1.59 2.34
C ALA A 17 1.49 2.34 2.71
N THR A 18 1.51 3.65 2.52
CA THR A 18 0.36 4.50 2.83
C THR A 18 -0.31 5.00 1.56
N LYS A 19 0.10 4.44 0.42
CA LYS A 19 -0.46 4.83 -0.87
C LYS A 19 -1.84 4.21 -1.10
N CYS A 20 -1.93 2.89 -0.93
CA CYS A 20 -3.17 2.17 -1.14
C CYS A 20 -4.33 2.79 -0.35
N PHE A 21 -4.92 3.83 -0.91
CA PHE A 21 -6.03 4.51 -0.27
C PHE A 21 -7.02 5.01 -1.32
N GLN A 22 -6.55 5.89 -2.22
CA GLN A 22 -7.41 6.40 -3.29
C GLN A 22 -6.61 6.65 -4.55
N TRP A 23 -7.22 6.30 -5.68
CA TRP A 23 -6.59 6.44 -6.99
C TRP A 23 -7.61 6.96 -7.99
N GLN A 24 -8.45 6.06 -8.47
CA GLN A 24 -9.51 6.40 -9.40
C GLN A 24 -10.71 5.49 -9.15
N ARG A 25 -10.48 4.20 -9.36
CA ARG A 25 -11.49 3.17 -9.16
C ARG A 25 -10.83 1.85 -8.76
N ASN A 26 -9.94 1.37 -9.62
CA ASN A 26 -9.23 0.12 -9.38
C ASN A 26 -7.83 0.19 -9.96
N MET A 27 -6.95 0.97 -9.32
CA MET A 27 -5.58 1.13 -9.77
C MET A 27 -4.95 -0.21 -10.13
N ARG A 28 -5.39 -1.27 -9.47
CA ARG A 28 -4.87 -2.60 -9.72
C ARG A 28 -6.00 -3.57 -10.06
N LYS A 29 -6.57 -4.20 -9.03
CA LYS A 29 -7.67 -5.14 -9.21
C LYS A 29 -8.69 -4.98 -8.10
N VAL A 30 -9.04 -3.73 -7.80
CA VAL A 30 -10.00 -3.43 -6.74
C VAL A 30 -11.42 -3.31 -7.31
N ARG A 31 -12.40 -3.23 -6.42
CA ARG A 31 -13.81 -3.12 -6.82
C ARG A 31 -14.07 -1.79 -7.55
N GLY A 32 -15.27 -1.23 -7.35
CA GLY A 32 -15.63 0.02 -7.99
C GLY A 32 -14.61 1.12 -7.74
N PRO A 33 -14.91 2.08 -6.85
CA PRO A 33 -13.98 3.17 -6.52
C PRO A 33 -12.80 2.64 -5.71
N PRO A 34 -11.72 3.42 -5.55
CA PRO A 34 -10.55 2.98 -4.80
C PRO A 34 -10.96 2.31 -3.51
N VAL A 35 -10.48 1.09 -3.33
CA VAL A 35 -10.87 0.32 -2.18
C VAL A 35 -9.75 -0.60 -1.66
N SER A 36 -9.31 -1.54 -2.48
CA SER A 36 -8.27 -2.48 -2.06
C SER A 36 -7.34 -2.85 -3.21
N CYS A 37 -6.13 -2.32 -3.18
CA CYS A 37 -5.13 -2.59 -4.22
C CYS A 37 -4.15 -3.67 -3.76
N ILE A 38 -4.40 -4.24 -2.59
CA ILE A 38 -3.53 -5.28 -2.04
C ILE A 38 -4.10 -6.68 -2.30
N LYS A 39 -5.39 -6.75 -2.58
CA LYS A 39 -6.05 -8.03 -2.84
C LYS A 39 -5.41 -8.76 -4.03
N ARG A 40 -4.45 -9.62 -3.73
CA ARG A 40 -3.76 -10.39 -4.76
C ARG A 40 -3.64 -11.85 -4.36
N ASP A 41 -3.57 -12.09 -3.05
CA ASP A 41 -3.44 -13.45 -2.53
C ASP A 41 -4.20 -13.60 -1.21
N SER A 42 -4.78 -14.77 -1.01
CA SER A 42 -5.54 -15.05 0.21
C SER A 42 -4.60 -15.39 1.36
N PRO A 43 -3.59 -16.28 1.14
CA PRO A 43 -2.64 -16.65 2.19
C PRO A 43 -1.81 -15.46 2.65
N ILE A 44 -1.16 -15.60 3.80
CA ILE A 44 -0.33 -14.54 4.35
C ILE A 44 0.87 -14.26 3.44
N GLN A 45 0.67 -13.42 2.44
CA GLN A 45 1.72 -13.07 1.49
C GLN A 45 2.39 -11.76 1.88
N CYS A 46 1.73 -10.64 1.61
CA CYS A 46 2.25 -9.33 1.94
C CYS A 46 1.45 -8.67 3.06
N ILE A 47 1.61 -7.36 3.20
CA ILE A 47 0.90 -6.60 4.21
C ILE A 47 -0.60 -6.79 4.10
N GLN A 48 -1.25 -7.10 5.22
CA GLN A 48 -2.69 -7.31 5.25
C GLN A 48 -3.22 -7.20 6.67
N ALA A 49 -2.32 -7.11 7.63
CA ALA A 49 -2.70 -7.01 9.04
C ALA A 49 -3.38 -5.67 9.31
N GLY A 1 18.50 7.23 -6.15
CA GLY A 1 18.51 8.70 -5.90
C GLY A 1 18.34 9.03 -4.43
N ARG A 2 18.28 7.99 -3.59
CA ARG A 2 18.11 8.17 -2.16
C ARG A 2 19.43 8.57 -1.51
N ARG A 3 19.65 9.87 -1.36
CA ARG A 3 20.88 10.39 -0.76
C ARG A 3 20.62 10.83 0.68
N ARG A 4 19.35 10.92 1.05
CA ARG A 4 18.97 11.34 2.39
C ARG A 4 18.72 10.13 3.29
N ARG A 5 19.01 10.29 4.58
CA ARG A 5 18.83 9.21 5.55
C ARG A 5 17.36 8.97 5.85
N SER A 6 17.10 8.09 6.80
CA SER A 6 15.74 7.75 7.20
C SER A 6 15.35 8.52 8.46
N VAL A 7 14.43 9.46 8.31
CA VAL A 7 13.98 10.27 9.45
C VAL A 7 12.86 9.55 10.22
N GLN A 8 12.18 10.28 11.09
CA GLN A 8 11.10 9.72 11.90
C GLN A 8 9.78 9.71 11.15
N TRP A 9 9.80 9.25 9.91
CA TRP A 9 8.59 9.20 9.10
C TRP A 9 8.61 7.99 8.17
N CYS A 10 7.72 8.00 7.17
CA CYS A 10 7.64 6.90 6.23
C CYS A 10 7.86 7.36 4.79
N ALA A 11 8.45 8.53 4.63
CA ALA A 11 8.72 9.08 3.30
C ALA A 11 10.02 8.50 2.73
N VAL A 12 10.86 7.96 3.61
CA VAL A 12 12.12 7.38 3.20
C VAL A 12 11.98 5.90 2.84
N SER A 13 11.14 5.19 3.60
CA SER A 13 10.92 3.78 3.36
C SER A 13 9.47 3.39 3.62
N GLN A 14 8.81 2.84 2.59
CA GLN A 14 7.42 2.42 2.70
C GLN A 14 7.17 1.15 1.89
N PRO A 15 6.45 0.17 2.45
CA PRO A 15 6.16 -1.08 1.78
C PRO A 15 4.91 -1.00 0.89
N GLU A 16 4.85 0.05 0.08
CA GLU A 16 3.72 0.25 -0.83
C GLU A 16 2.41 0.32 -0.05
N ALA A 17 2.50 0.62 1.24
CA ALA A 17 1.33 0.71 2.10
C ALA A 17 1.06 2.15 2.50
N THR A 18 1.48 3.08 1.66
CA THR A 18 1.28 4.50 1.92
C THR A 18 0.57 5.19 0.75
N LYS A 19 0.87 4.75 -0.46
CA LYS A 19 0.26 5.32 -1.65
C LYS A 19 -1.22 4.99 -1.72
N CYS A 20 -1.55 3.73 -1.45
CA CYS A 20 -2.94 3.28 -1.48
C CYS A 20 -3.84 4.25 -0.74
N PHE A 21 -4.37 5.24 -1.45
CA PHE A 21 -5.25 6.22 -0.82
C PHE A 21 -6.31 6.73 -1.80
N GLN A 22 -5.91 7.49 -2.81
CA GLN A 22 -6.85 7.99 -3.81
C GLN A 22 -6.16 8.08 -5.15
N TRP A 23 -6.58 7.21 -6.04
CA TRP A 23 -6.02 7.15 -7.37
C TRP A 23 -7.07 7.52 -8.40
N GLN A 24 -7.81 6.52 -8.86
CA GLN A 24 -8.86 6.71 -9.83
C GLN A 24 -9.98 5.71 -9.57
N ARG A 25 -11.19 6.05 -9.99
CA ARG A 25 -12.34 5.15 -9.83
C ARG A 25 -11.99 3.72 -10.16
N ASN A 26 -11.05 3.53 -11.10
CA ASN A 26 -10.64 2.19 -11.49
C ASN A 26 -9.16 2.13 -11.84
N MET A 27 -8.33 1.90 -10.84
CA MET A 27 -6.89 1.79 -11.04
C MET A 27 -6.47 0.33 -11.10
N ARG A 28 -6.53 -0.34 -9.95
CA ARG A 28 -6.18 -1.73 -9.85
C ARG A 28 -7.36 -2.53 -9.33
N LYS A 29 -7.31 -3.84 -9.51
CA LYS A 29 -8.39 -4.71 -9.06
C LYS A 29 -8.35 -4.89 -7.54
N VAL A 30 -8.59 -3.81 -6.81
CA VAL A 30 -8.59 -3.84 -5.36
C VAL A 30 -9.91 -4.43 -4.87
N ARG A 31 -10.16 -4.33 -3.56
CA ARG A 31 -11.40 -4.85 -2.98
C ARG A 31 -12.60 -4.47 -3.84
N GLY A 32 -12.68 -3.19 -4.19
CA GLY A 32 -13.76 -2.70 -5.02
C GLY A 32 -13.32 -1.59 -5.94
N PRO A 33 -14.22 -0.70 -6.36
CA PRO A 33 -13.87 0.42 -7.25
C PRO A 33 -12.91 1.38 -6.55
N PRO A 34 -11.64 1.44 -7.00
CA PRO A 34 -10.64 2.31 -6.41
C PRO A 34 -11.10 3.76 -6.26
N VAL A 35 -11.16 4.19 -5.01
CA VAL A 35 -11.58 5.55 -4.67
C VAL A 35 -10.86 6.01 -3.40
N SER A 36 -10.94 5.18 -2.37
CA SER A 36 -10.31 5.46 -1.08
C SER A 36 -9.82 4.16 -0.42
N CYS A 37 -8.51 3.95 -0.43
CA CYS A 37 -7.94 2.74 0.17
C CYS A 37 -8.10 2.77 1.68
N ILE A 38 -7.33 3.64 2.32
CA ILE A 38 -7.37 3.79 3.77
C ILE A 38 -7.83 5.18 4.17
N LYS A 39 -8.92 5.25 4.93
CA LYS A 39 -9.47 6.53 5.37
C LYS A 39 -8.93 6.90 6.75
N ARG A 40 -7.61 7.00 6.85
CA ARG A 40 -6.97 7.35 8.12
C ARG A 40 -6.60 8.83 8.14
N ASP A 41 -6.01 9.31 7.05
CA ASP A 41 -5.59 10.69 6.95
C ASP A 41 -5.75 11.21 5.51
N SER A 42 -6.54 12.26 5.36
CA SER A 42 -6.78 12.84 4.04
C SER A 42 -5.67 13.83 3.65
N PRO A 43 -5.29 14.76 4.54
CA PRO A 43 -4.23 15.74 4.25
C PRO A 43 -2.89 15.09 3.92
N ILE A 44 -2.35 14.35 4.89
CA ILE A 44 -1.07 13.68 4.70
C ILE A 44 -1.26 12.17 4.54
N GLN A 45 -0.44 11.57 3.69
CA GLN A 45 -0.51 10.13 3.44
C GLN A 45 0.53 9.39 4.27
N CYS A 46 1.64 10.06 4.56
CA CYS A 46 2.71 9.48 5.34
C CYS A 46 2.73 10.07 6.76
N ILE A 47 3.81 10.77 7.10
CA ILE A 47 3.92 11.39 8.42
C ILE A 47 4.00 12.91 8.30
N GLN A 48 3.47 13.62 9.30
CA GLN A 48 3.48 15.08 9.31
C GLN A 48 4.86 15.62 8.95
N ALA A 49 5.80 15.49 9.88
CA ALA A 49 7.17 15.97 9.66
C ALA A 49 8.19 14.87 9.92
N GLY A 1 10.44 13.19 -7.66
CA GLY A 1 10.82 14.59 -7.31
C GLY A 1 11.23 14.74 -5.87
N ARG A 2 10.27 14.61 -4.97
CA ARG A 2 10.53 14.75 -3.54
C ARG A 2 11.09 13.45 -2.97
N ARG A 3 12.40 13.42 -2.75
CA ARG A 3 13.06 12.25 -2.20
C ARG A 3 12.97 12.23 -0.69
N ARG A 4 12.44 11.14 -0.13
CA ARG A 4 12.30 11.01 1.32
C ARG A 4 13.55 10.40 1.93
N ARG A 5 13.69 10.55 3.25
CA ARG A 5 14.85 10.02 3.96
C ARG A 5 14.45 8.81 4.80
N SER A 6 15.33 7.81 4.82
CA SER A 6 15.09 6.59 5.59
C SER A 6 15.43 6.79 7.05
N VAL A 7 14.42 7.13 7.85
CA VAL A 7 14.62 7.36 9.28
C VAL A 7 14.61 6.03 10.04
N GLN A 8 14.35 6.09 11.34
CA GLN A 8 14.33 4.89 12.17
C GLN A 8 12.91 4.42 12.45
N TRP A 9 12.10 4.30 11.40
CA TRP A 9 10.72 3.84 11.56
C TRP A 9 10.25 3.00 10.36
N CYS A 10 8.96 2.69 10.35
CA CYS A 10 8.38 1.86 9.29
C CYS A 10 8.57 2.45 7.89
N ALA A 11 8.70 3.77 7.81
CA ALA A 11 8.88 4.43 6.51
C ALA A 11 9.96 3.76 5.67
N VAL A 12 10.91 3.11 6.33
CA VAL A 12 11.99 2.42 5.64
C VAL A 12 11.46 1.25 4.83
N SER A 13 10.61 0.43 5.45
CA SER A 13 10.03 -0.73 4.79
C SER A 13 8.57 -0.47 4.45
N GLN A 14 8.34 0.28 3.37
CA GLN A 14 6.99 0.61 2.93
C GLN A 14 6.84 0.40 1.41
N PRO A 15 6.33 -0.77 0.99
CA PRO A 15 6.14 -1.08 -0.43
C PRO A 15 4.89 -0.42 -1.01
N GLU A 16 4.74 0.87 -0.76
CA GLU A 16 3.59 1.62 -1.26
C GLU A 16 2.27 1.00 -0.78
N ALA A 17 2.21 0.70 0.51
CA ALA A 17 1.01 0.11 1.09
C ALA A 17 0.29 1.10 2.01
N THR A 18 0.61 2.38 1.84
CA THR A 18 0.00 3.43 2.65
C THR A 18 -0.59 4.53 1.77
N LYS A 19 0.09 4.82 0.66
CA LYS A 19 -0.36 5.86 -0.26
C LYS A 19 -1.76 5.55 -0.78
N CYS A 20 -2.13 4.27 -0.80
CA CYS A 20 -3.44 3.85 -1.27
C CYS A 20 -4.53 4.71 -0.66
N PHE A 21 -4.91 5.77 -1.37
CA PHE A 21 -5.93 6.67 -0.89
C PHE A 21 -6.76 7.24 -2.03
N GLN A 22 -6.10 7.94 -2.96
CA GLN A 22 -6.79 8.48 -4.13
C GLN A 22 -5.90 8.46 -5.35
N TRP A 23 -6.34 7.70 -6.33
CA TRP A 23 -5.64 7.53 -7.58
C TRP A 23 -6.61 7.84 -8.71
N GLN A 24 -7.36 6.83 -9.11
CA GLN A 24 -8.36 6.97 -10.15
C GLN A 24 -9.52 6.02 -9.87
N ARG A 25 -10.70 6.36 -10.36
CA ARG A 25 -11.89 5.53 -10.18
C ARG A 25 -11.59 4.07 -10.50
N ASN A 26 -10.69 3.87 -11.44
CA ASN A 26 -10.32 2.53 -11.88
C ASN A 26 -8.81 2.35 -11.88
N MET A 27 -8.19 2.52 -10.72
CA MET A 27 -6.75 2.37 -10.58
C MET A 27 -6.35 0.90 -10.63
N ARG A 28 -6.46 0.23 -9.49
CA ARG A 28 -6.13 -1.19 -9.40
C ARG A 28 -7.30 -1.95 -8.79
N LYS A 29 -7.59 -3.11 -9.35
CA LYS A 29 -8.69 -3.94 -8.88
C LYS A 29 -8.37 -4.55 -7.51
N VAL A 30 -8.34 -3.71 -6.49
CA VAL A 30 -8.06 -4.13 -5.14
C VAL A 30 -9.26 -4.84 -4.52
N ARG A 31 -9.32 -4.85 -3.19
CA ARG A 31 -10.43 -5.47 -2.48
C ARG A 31 -11.76 -5.12 -3.13
N GLY A 32 -11.84 -3.89 -3.65
CA GLY A 32 -13.04 -3.43 -4.31
C GLY A 32 -12.74 -2.52 -5.48
N PRO A 33 -13.62 -1.55 -5.78
CA PRO A 33 -13.44 -0.61 -6.87
C PRO A 33 -12.67 0.64 -6.42
N PRO A 34 -11.58 1.00 -7.14
CA PRO A 34 -10.77 2.18 -6.79
C PRO A 34 -11.62 3.41 -6.51
N VAL A 35 -11.75 3.72 -5.23
CA VAL A 35 -12.51 4.87 -4.76
C VAL A 35 -11.87 5.45 -3.50
N SER A 36 -11.87 4.64 -2.45
CA SER A 36 -11.28 5.03 -1.16
C SER A 36 -10.67 3.83 -0.47
N CYS A 37 -9.35 3.68 -0.60
CA CYS A 37 -8.63 2.57 0.00
C CYS A 37 -8.78 2.60 1.52
N ILE A 38 -8.18 3.60 2.14
CA ILE A 38 -8.25 3.75 3.59
C ILE A 38 -8.68 5.16 3.98
N LYS A 39 -9.81 5.26 4.66
CA LYS A 39 -10.33 6.54 5.11
C LYS A 39 -10.35 6.64 6.62
N ARG A 40 -9.61 5.74 7.27
CA ARG A 40 -9.52 5.72 8.72
C ARG A 40 -8.31 6.50 9.22
N ASP A 41 -7.20 6.36 8.51
CA ASP A 41 -5.97 7.06 8.88
C ASP A 41 -5.37 7.78 7.67
N SER A 42 -5.05 9.06 7.85
CA SER A 42 -4.48 9.86 6.78
C SER A 42 -2.94 9.86 6.84
N PRO A 43 -2.35 10.13 8.03
CA PRO A 43 -0.90 10.15 8.18
C PRO A 43 -0.34 8.77 8.51
N ILE A 44 0.89 8.73 9.01
CA ILE A 44 1.54 7.48 9.36
C ILE A 44 0.66 6.65 10.29
N GLN A 45 0.58 5.36 10.03
CA GLN A 45 -0.24 4.46 10.83
C GLN A 45 0.42 3.08 10.97
N CYS A 46 1.69 3.01 10.61
CA CYS A 46 2.43 1.75 10.69
C CYS A 46 2.88 1.47 12.12
N ILE A 47 3.98 2.11 12.54
CA ILE A 47 4.51 1.94 13.88
C ILE A 47 4.16 3.14 14.77
N GLN A 48 4.84 4.25 14.55
CA GLN A 48 4.61 5.46 15.32
C GLN A 48 4.63 6.69 14.42
N ALA A 49 4.26 7.84 15.00
CA ALA A 49 4.23 9.10 14.25
C ALA A 49 5.02 10.18 14.97
N GLY A 1 18.08 13.39 6.97
CA GLY A 1 18.84 12.46 7.83
C GLY A 1 18.29 11.04 7.78
N ARG A 2 19.09 10.08 8.25
CA ARG A 2 18.68 8.69 8.26
C ARG A 2 17.59 8.44 9.30
N ARG A 3 16.35 8.69 8.92
CA ARG A 3 15.21 8.50 9.84
C ARG A 3 14.37 7.30 9.41
N ARG A 4 14.91 6.50 8.49
CA ARG A 4 14.20 5.32 8.01
C ARG A 4 15.16 4.16 7.78
N ARG A 5 14.60 2.98 7.56
CA ARG A 5 15.40 1.79 7.30
C ARG A 5 15.57 1.60 5.79
N SER A 6 16.74 1.12 5.39
CA SER A 6 17.02 0.91 3.99
C SER A 6 17.66 -0.45 3.74
N VAL A 7 17.08 -1.21 2.83
CA VAL A 7 17.59 -2.53 2.49
C VAL A 7 18.01 -2.57 1.01
N GLN A 8 18.09 -3.76 0.45
CA GLN A 8 18.49 -3.92 -0.94
C GLN A 8 17.34 -4.42 -1.81
N TRP A 9 16.23 -3.72 -1.75
CA TRP A 9 15.04 -4.08 -2.54
C TRP A 9 14.27 -2.83 -2.98
N CYS A 10 13.02 -3.03 -3.37
CA CYS A 10 12.18 -1.93 -3.82
C CYS A 10 11.59 -1.12 -2.67
N ALA A 11 11.54 -1.70 -1.47
CA ALA A 11 10.98 -1.02 -0.31
C ALA A 11 11.85 0.17 0.10
N VAL A 12 12.93 0.41 -0.63
CA VAL A 12 13.84 1.51 -0.32
C VAL A 12 13.19 2.85 -0.68
N SER A 13 12.34 2.84 -1.71
CA SER A 13 11.67 4.05 -2.15
C SER A 13 10.46 4.36 -1.27
N GLN A 14 9.48 3.45 -1.27
CA GLN A 14 8.27 3.66 -0.46
C GLN A 14 7.84 2.34 0.20
N PRO A 15 7.44 2.40 1.49
CA PRO A 15 6.99 1.22 2.22
C PRO A 15 5.50 0.98 2.05
N GLU A 16 5.02 1.11 0.81
CA GLU A 16 3.61 0.92 0.50
C GLU A 16 2.73 1.70 1.47
N ALA A 17 3.17 2.91 1.81
CA ALA A 17 2.43 3.76 2.73
C ALA A 17 2.08 5.10 2.08
N THR A 18 2.18 5.15 0.75
CA THR A 18 1.87 6.37 0.02
C THR A 18 0.77 6.13 -1.03
N LYS A 19 0.70 4.89 -1.52
CA LYS A 19 -0.30 4.53 -2.52
C LYS A 19 -1.56 3.98 -1.87
N CYS A 20 -1.38 3.21 -0.80
CA CYS A 20 -2.50 2.60 -0.08
C CYS A 20 -3.53 3.65 0.34
N PHE A 21 -4.36 4.08 -0.60
CA PHE A 21 -5.39 5.07 -0.31
C PHE A 21 -6.64 4.85 -1.18
N GLN A 22 -6.56 5.17 -2.47
CA GLN A 22 -7.71 4.97 -3.36
C GLN A 22 -7.29 4.63 -4.77
N TRP A 23 -7.87 3.57 -5.30
CA TRP A 23 -7.58 3.11 -6.65
C TRP A 23 -8.83 2.52 -7.29
N GLN A 24 -9.17 1.29 -6.90
CA GLN A 24 -10.37 0.63 -7.41
C GLN A 24 -10.98 -0.30 -6.36
N ARG A 25 -12.32 -0.38 -6.36
CA ARG A 25 -13.06 -1.24 -5.44
C ARG A 25 -12.44 -2.64 -5.37
N ASN A 26 -11.68 -2.97 -6.40
CA ASN A 26 -10.94 -4.22 -6.47
C ASN A 26 -9.54 -3.90 -6.95
N MET A 27 -8.67 -3.58 -5.99
CA MET A 27 -7.30 -3.14 -6.29
C MET A 27 -6.65 -3.95 -7.42
N ARG A 28 -6.95 -3.52 -8.63
CA ARG A 28 -6.43 -4.14 -9.84
C ARG A 28 -6.25 -3.10 -10.97
N LYS A 29 -7.24 -2.21 -11.14
CA LYS A 29 -7.20 -1.19 -12.18
C LYS A 29 -7.95 0.06 -11.74
N VAL A 30 -7.20 1.15 -11.57
CA VAL A 30 -7.74 2.43 -11.15
C VAL A 30 -8.96 2.86 -11.97
N ARG A 31 -10.09 2.97 -11.28
CA ARG A 31 -11.35 3.37 -11.89
C ARG A 31 -12.21 4.20 -10.93
N GLY A 32 -12.51 3.63 -9.76
CA GLY A 32 -13.32 4.32 -8.77
C GLY A 32 -12.88 4.06 -7.34
N PRO A 33 -13.81 4.18 -6.35
CA PRO A 33 -13.50 3.95 -4.93
C PRO A 33 -12.57 2.77 -4.71
N PRO A 34 -11.85 2.72 -3.57
CA PRO A 34 -10.92 1.65 -3.25
C PRO A 34 -11.53 0.55 -2.39
N VAL A 35 -10.66 -0.30 -1.83
CA VAL A 35 -11.11 -1.41 -0.99
C VAL A 35 -10.09 -1.70 0.13
N SER A 36 -9.00 -2.38 -0.22
CA SER A 36 -7.97 -2.71 0.77
C SER A 36 -6.58 -2.72 0.14
N CYS A 37 -5.58 -2.25 0.90
CA CYS A 37 -4.20 -2.20 0.41
C CYS A 37 -3.29 -3.02 1.31
N ILE A 38 -3.12 -2.56 2.56
CA ILE A 38 -2.28 -3.23 3.51
C ILE A 38 -2.73 -4.68 3.74
N LYS A 39 -4.01 -4.94 3.55
CA LYS A 39 -4.56 -6.28 3.74
C LYS A 39 -4.53 -7.08 2.44
N ARG A 40 -3.42 -6.99 1.72
CA ARG A 40 -3.26 -7.71 0.46
C ARG A 40 -2.35 -8.92 0.65
N ASP A 41 -1.07 -8.65 0.91
CA ASP A 41 -0.09 -9.71 1.10
C ASP A 41 0.86 -9.37 2.24
N SER A 42 0.89 -10.23 3.25
CA SER A 42 1.76 -10.03 4.41
C SER A 42 3.11 -10.71 4.23
N PRO A 43 3.13 -12.01 3.83
CA PRO A 43 4.39 -12.74 3.63
C PRO A 43 5.38 -11.99 2.76
N ILE A 44 4.96 -11.68 1.53
CA ILE A 44 5.81 -10.96 0.59
C ILE A 44 5.06 -9.81 -0.06
N GLN A 45 5.73 -8.66 -0.19
CA GLN A 45 5.13 -7.49 -0.79
C GLN A 45 6.04 -6.91 -1.88
N CYS A 46 7.33 -6.83 -1.56
CA CYS A 46 8.31 -6.30 -2.50
C CYS A 46 8.96 -7.43 -3.29
N ILE A 47 9.82 -7.06 -4.26
CA ILE A 47 10.52 -8.03 -5.09
C ILE A 47 11.04 -9.22 -4.27
N GLN A 48 12.14 -9.02 -3.56
CA GLN A 48 12.72 -10.07 -2.74
C GLN A 48 13.76 -9.51 -1.77
N ALA A 49 14.38 -10.40 -1.00
CA ALA A 49 15.38 -10.00 -0.03
C ALA A 49 16.64 -10.85 -0.16
N GLY A 1 3.62 -6.17 -18.11
CA GLY A 1 3.95 -7.34 -18.98
C GLY A 1 3.21 -8.59 -18.57
N ARG A 2 3.00 -9.49 -19.52
CA ARG A 2 2.31 -10.74 -19.26
C ARG A 2 3.29 -11.86 -18.91
N ARG A 3 3.05 -12.53 -17.80
CA ARG A 3 3.91 -13.61 -17.34
C ARG A 3 3.10 -14.71 -16.67
N ARG A 4 2.27 -14.32 -15.70
CA ARG A 4 1.44 -15.27 -14.97
C ARG A 4 0.35 -14.53 -14.19
N ARG A 5 -0.31 -15.25 -13.28
CA ARG A 5 -1.37 -14.65 -12.48
C ARG A 5 -0.79 -13.87 -11.30
N SER A 6 -0.33 -14.59 -10.29
CA SER A 6 0.23 -13.96 -9.10
C SER A 6 1.40 -14.77 -8.56
N VAL A 7 2.30 -14.10 -7.84
CA VAL A 7 3.46 -14.77 -7.27
C VAL A 7 3.45 -14.67 -5.74
N GLN A 8 4.60 -14.85 -5.11
CA GLN A 8 4.69 -14.82 -3.66
C GLN A 8 4.97 -13.43 -3.11
N TRP A 9 4.47 -12.42 -3.80
CA TRP A 9 4.65 -11.05 -3.38
C TRP A 9 3.31 -10.33 -3.37
N CYS A 10 3.35 -9.03 -3.10
CA CYS A 10 2.15 -8.23 -3.09
C CYS A 10 2.21 -7.17 -4.18
N ALA A 11 2.13 -7.64 -5.42
CA ALA A 11 2.17 -6.78 -6.58
C ALA A 11 1.15 -5.65 -6.46
N VAL A 12 0.18 -5.85 -5.58
CA VAL A 12 -0.87 -4.85 -5.35
C VAL A 12 -0.50 -3.94 -4.20
N SER A 13 0.06 -4.53 -3.15
CA SER A 13 0.46 -3.78 -1.97
C SER A 13 1.93 -3.39 -2.06
N GLN A 14 2.19 -2.25 -2.68
CA GLN A 14 3.55 -1.75 -2.84
C GLN A 14 4.21 -1.50 -1.49
N PRO A 15 5.56 -1.48 -1.43
CA PRO A 15 6.28 -1.25 -0.18
C PRO A 15 5.84 0.05 0.48
N GLU A 16 5.59 1.07 -0.32
CA GLU A 16 5.16 2.37 0.17
C GLU A 16 3.63 2.43 0.22
N ALA A 17 3.05 1.78 1.22
CA ALA A 17 1.60 1.77 1.39
C ALA A 17 1.10 3.06 2.00
N THR A 18 1.98 4.05 2.07
CA THR A 18 1.61 5.35 2.62
C THR A 18 0.55 5.99 1.73
N LYS A 19 0.48 5.52 0.50
CA LYS A 19 -0.49 6.01 -0.46
C LYS A 19 -1.77 5.18 -0.40
N CYS A 20 -2.31 5.06 0.80
CA CYS A 20 -3.53 4.30 0.99
C CYS A 20 -4.72 5.24 1.19
N PHE A 21 -5.18 5.82 0.09
CA PHE A 21 -6.32 6.74 0.12
C PHE A 21 -7.21 6.55 -1.11
N GLN A 22 -7.52 7.63 -1.84
CA GLN A 22 -8.36 7.51 -3.04
C GLN A 22 -7.53 7.69 -4.30
N TRP A 23 -7.71 6.75 -5.22
CA TRP A 23 -6.99 6.74 -6.49
C TRP A 23 -7.98 6.58 -7.64
N GLN A 24 -8.17 5.34 -8.05
CA GLN A 24 -9.09 5.00 -9.11
C GLN A 24 -9.67 3.63 -8.83
N ARG A 25 -10.92 3.42 -9.22
CA ARG A 25 -11.59 2.13 -9.02
C ARG A 25 -10.67 0.96 -9.39
N ASN A 26 -9.63 1.24 -10.16
CA ASN A 26 -8.69 0.20 -10.56
C ASN A 26 -7.25 0.71 -10.57
N MET A 27 -6.73 1.08 -9.40
CA MET A 27 -5.35 1.57 -9.30
C MET A 27 -4.39 0.50 -9.81
N ARG A 28 -4.34 -0.61 -9.09
CA ARG A 28 -3.50 -1.74 -9.46
C ARG A 28 -4.37 -2.98 -9.63
N LYS A 29 -5.07 -3.33 -8.56
CA LYS A 29 -5.97 -4.47 -8.57
C LYS A 29 -7.10 -4.24 -7.58
N VAL A 30 -7.71 -3.07 -7.70
CA VAL A 30 -8.82 -2.68 -6.87
C VAL A 30 -10.14 -3.04 -7.54
N ARG A 31 -11.02 -3.71 -6.79
CA ARG A 31 -12.32 -4.11 -7.33
C ARG A 31 -13.08 -2.89 -7.85
N GLY A 32 -13.79 -2.21 -6.95
CA GLY A 32 -14.53 -1.03 -7.32
C GLY A 32 -13.76 0.24 -7.00
N PRO A 33 -14.44 1.38 -6.76
CA PRO A 33 -13.76 2.63 -6.43
C PRO A 33 -12.67 2.41 -5.38
N PRO A 34 -11.66 3.30 -5.30
CA PRO A 34 -10.57 3.16 -4.34
C PRO A 34 -11.04 2.62 -3.00
N VAL A 35 -10.42 1.52 -2.59
CA VAL A 35 -10.82 0.88 -1.34
C VAL A 35 -9.66 0.22 -0.58
N SER A 36 -9.20 -0.94 -1.04
CA SER A 36 -8.14 -1.67 -0.35
C SER A 36 -6.75 -1.13 -0.67
N CYS A 37 -6.05 -0.73 0.38
CA CYS A 37 -4.69 -0.21 0.27
C CYS A 37 -3.87 -0.57 1.51
N ILE A 38 -4.51 -0.55 2.66
CA ILE A 38 -3.90 -0.85 3.93
C ILE A 38 -3.07 -2.14 3.89
N LYS A 39 -3.39 -3.04 2.97
CA LYS A 39 -2.67 -4.29 2.86
C LYS A 39 -1.17 -4.05 2.70
N ARG A 40 -0.38 -4.73 3.50
CA ARG A 40 1.08 -4.58 3.46
C ARG A 40 1.78 -5.92 3.52
N ASP A 41 3.06 -5.89 3.82
CA ASP A 41 3.88 -7.09 3.90
C ASP A 41 4.30 -7.36 5.34
N SER A 42 5.14 -8.36 5.52
CA SER A 42 5.64 -8.73 6.84
C SER A 42 6.93 -9.55 6.74
N PRO A 43 6.96 -10.63 5.92
CA PRO A 43 8.14 -11.46 5.76
C PRO A 43 8.99 -11.03 4.57
N ILE A 44 8.45 -11.20 3.37
CA ILE A 44 9.16 -10.83 2.15
C ILE A 44 8.60 -9.54 1.55
N GLN A 45 9.48 -8.72 0.99
CA GLN A 45 9.06 -7.46 0.39
C GLN A 45 8.26 -7.69 -0.88
N CYS A 46 7.20 -6.91 -1.06
CA CYS A 46 6.35 -7.03 -2.23
C CYS A 46 7.08 -6.58 -3.49
N ILE A 47 6.32 -6.21 -4.52
CA ILE A 47 6.90 -5.75 -5.77
C ILE A 47 7.67 -4.45 -5.59
N GLN A 48 8.93 -4.48 -6.02
CA GLN A 48 9.81 -3.31 -5.93
C GLN A 48 11.04 -3.51 -6.81
N ALA A 49 11.08 -4.65 -7.50
CA ALA A 49 12.19 -4.98 -8.37
C ALA A 49 11.94 -4.45 -9.79
N GLY A 1 13.62 17.36 16.69
CA GLY A 1 13.95 15.95 16.34
C GLY A 1 13.23 15.47 15.10
N ARG A 2 14.00 15.02 14.11
CA ARG A 2 13.43 14.54 12.85
C ARG A 2 12.66 13.25 13.07
N ARG A 3 11.82 12.90 12.09
CA ARG A 3 11.02 11.69 12.17
C ARG A 3 11.69 10.55 11.40
N ARG A 4 11.59 9.34 11.95
CA ARG A 4 12.17 8.16 11.33
C ARG A 4 11.63 7.97 9.91
N ARG A 5 12.46 7.41 9.03
CA ARG A 5 12.07 7.17 7.65
C ARG A 5 11.81 5.69 7.41
N SER A 6 12.82 4.87 7.67
CA SER A 6 12.71 3.42 7.49
C SER A 6 13.04 2.69 8.79
N VAL A 7 12.30 1.62 9.06
CA VAL A 7 12.51 0.84 10.26
C VAL A 7 12.71 -0.64 9.92
N GLN A 8 12.51 -1.51 10.90
CA GLN A 8 12.69 -2.94 10.72
C GLN A 8 11.38 -3.71 10.89
N TRP A 9 10.36 -3.30 10.14
CA TRP A 9 9.05 -3.97 10.23
C TRP A 9 8.33 -3.98 8.88
N CYS A 10 7.05 -4.36 8.92
CA CYS A 10 6.22 -4.45 7.72
C CYS A 10 6.19 -3.15 6.93
N ALA A 11 6.32 -2.02 7.62
CA ALA A 11 6.29 -0.71 6.95
C ALA A 11 7.23 -0.66 5.75
N VAL A 12 8.50 -0.98 5.99
CA VAL A 12 9.50 -0.97 4.92
C VAL A 12 9.31 -2.14 3.97
N SER A 13 8.56 -3.15 4.42
CA SER A 13 8.29 -4.32 3.60
C SER A 13 7.19 -4.05 2.60
N GLN A 14 6.40 -3.01 2.87
CA GLN A 14 5.30 -2.63 1.99
C GLN A 14 5.37 -1.14 1.66
N PRO A 15 6.11 -0.78 0.58
CA PRO A 15 6.24 0.62 0.16
C PRO A 15 4.89 1.22 -0.24
N GLU A 16 3.92 0.36 -0.46
CA GLU A 16 2.57 0.81 -0.84
C GLU A 16 1.69 1.00 0.39
N ALA A 17 2.32 1.02 1.57
CA ALA A 17 1.58 1.22 2.81
C ALA A 17 1.26 2.69 3.01
N THR A 18 1.56 3.49 1.99
CA THR A 18 1.31 4.92 2.02
C THR A 18 0.65 5.39 0.74
N LYS A 19 0.63 4.52 -0.26
CA LYS A 19 0.02 4.85 -1.55
C LYS A 19 -1.50 4.87 -1.43
N CYS A 20 -2.02 4.44 -0.29
CA CYS A 20 -3.46 4.43 -0.07
C CYS A 20 -3.98 5.87 -0.05
N PHE A 21 -4.07 6.48 -1.23
CA PHE A 21 -4.52 7.86 -1.35
C PHE A 21 -5.68 7.99 -2.35
N GLN A 22 -5.46 8.71 -3.46
CA GLN A 22 -6.49 8.86 -4.47
C GLN A 22 -5.95 8.60 -5.86
N TRP A 23 -6.60 7.65 -6.50
CA TRP A 23 -6.27 7.22 -7.85
C TRP A 23 -7.45 7.58 -8.76
N GLN A 24 -8.34 6.63 -8.95
CA GLN A 24 -9.53 6.84 -9.75
C GLN A 24 -10.67 5.98 -9.19
N ARG A 25 -11.88 6.24 -9.64
CA ARG A 25 -13.05 5.45 -9.21
C ARG A 25 -12.74 3.97 -9.19
N ASN A 26 -12.14 3.47 -10.27
CA ASN A 26 -11.77 2.05 -10.37
C ASN A 26 -10.36 1.90 -10.93
N MET A 27 -9.40 2.57 -10.28
CA MET A 27 -8.02 2.54 -10.72
C MET A 27 -7.32 1.25 -10.29
N ARG A 28 -6.99 1.14 -9.01
CA ARG A 28 -6.31 -0.06 -8.53
C ARG A 28 -7.19 -1.27 -8.74
N LYS A 29 -6.70 -2.22 -9.53
CA LYS A 29 -7.44 -3.43 -9.83
C LYS A 29 -7.48 -4.38 -8.63
N VAL A 30 -7.54 -3.81 -7.43
CA VAL A 30 -7.62 -4.61 -6.21
C VAL A 30 -8.94 -5.37 -6.17
N ARG A 31 -9.29 -5.88 -4.99
CA ARG A 31 -10.54 -6.62 -4.82
C ARG A 31 -11.69 -5.90 -5.52
N GLY A 32 -11.74 -4.59 -5.31
CA GLY A 32 -12.75 -3.77 -5.92
C GLY A 32 -12.19 -2.41 -6.26
N PRO A 33 -13.01 -1.33 -6.26
CA PRO A 33 -12.51 0.02 -6.53
C PRO A 33 -11.32 0.32 -5.61
N PRO A 34 -10.31 1.07 -6.10
CA PRO A 34 -9.14 1.38 -5.29
C PRO A 34 -9.50 2.11 -4.01
N VAL A 35 -10.69 2.67 -4.03
CA VAL A 35 -11.23 3.44 -2.92
C VAL A 35 -10.98 2.76 -1.57
N SER A 36 -10.85 1.45 -1.60
CA SER A 36 -10.60 0.70 -0.37
C SER A 36 -9.19 0.11 -0.36
N CYS A 37 -8.19 0.99 -0.44
CA CYS A 37 -6.79 0.55 -0.44
C CYS A 37 -6.52 -0.32 0.78
N ILE A 38 -7.19 0.01 1.89
CA ILE A 38 -7.03 -0.74 3.13
C ILE A 38 -8.36 -0.84 3.86
N LYS A 39 -9.18 -1.83 3.48
CA LYS A 39 -10.48 -2.03 4.09
C LYS A 39 -10.38 -2.83 5.38
N ARG A 40 -9.49 -2.41 6.27
CA ARG A 40 -9.29 -3.09 7.54
C ARG A 40 -8.97 -2.09 8.65
N ASP A 41 -7.86 -1.38 8.49
CA ASP A 41 -7.44 -0.39 9.47
C ASP A 41 -6.76 0.79 8.80
N SER A 42 -7.09 2.00 9.27
CA SER A 42 -6.52 3.22 8.71
C SER A 42 -5.17 3.55 9.35
N PRO A 43 -5.07 3.51 10.70
CA PRO A 43 -3.81 3.81 11.40
C PRO A 43 -2.73 2.80 11.09
N ILE A 44 -2.97 1.55 11.46
CA ILE A 44 -2.00 0.47 11.22
C ILE A 44 -2.71 -0.82 10.81
N GLN A 45 -2.29 -1.40 9.70
CA GLN A 45 -2.89 -2.63 9.19
C GLN A 45 -1.86 -3.75 9.08
N CYS A 46 -0.72 -3.56 9.73
CA CYS A 46 0.36 -4.56 9.70
C CYS A 46 1.00 -4.71 11.07
N ILE A 47 2.27 -5.11 11.08
CA ILE A 47 3.01 -5.29 12.34
C ILE A 47 2.86 -4.07 13.24
N GLN A 48 2.35 -4.31 14.45
CA GLN A 48 2.15 -3.24 15.42
C GLN A 48 2.96 -3.49 16.68
N ALA A 49 3.44 -2.41 17.30
CA ALA A 49 4.22 -2.50 18.51
C ALA A 49 4.30 -1.16 19.23
N GLY A 1 28.12 2.89 3.21
CA GLY A 1 29.06 3.98 2.83
C GLY A 1 28.32 5.20 2.31
N ARG A 2 28.01 5.19 1.00
CA ARG A 2 27.30 6.30 0.38
C ARG A 2 25.80 6.02 0.33
N ARG A 3 25.15 6.09 1.50
CA ARG A 3 23.72 5.84 1.59
C ARG A 3 23.02 6.93 2.38
N ARG A 4 21.95 7.47 1.81
CA ARG A 4 21.17 8.53 2.46
C ARG A 4 20.47 8.03 3.70
N ARG A 5 19.82 8.94 4.43
CA ARG A 5 19.11 8.58 5.65
C ARG A 5 17.78 9.32 5.73
N SER A 6 16.80 8.61 6.24
CA SER A 6 15.46 9.12 6.39
C SER A 6 14.80 8.56 7.62
N VAL A 7 13.63 8.04 7.36
CA VAL A 7 12.78 7.42 8.35
C VAL A 7 13.52 6.47 9.28
N GLN A 8 12.76 5.86 10.19
CA GLN A 8 13.31 4.93 11.17
C GLN A 8 12.29 3.87 11.52
N TRP A 9 11.52 3.46 10.52
CA TRP A 9 10.48 2.44 10.72
C TRP A 9 10.61 1.32 9.70
N CYS A 10 9.56 0.49 9.60
CA CYS A 10 9.55 -0.64 8.68
C CYS A 10 9.25 -0.21 7.25
N ALA A 11 8.74 1.01 7.08
CA ALA A 11 8.40 1.51 5.75
C ALA A 11 9.63 1.52 4.83
N VAL A 12 10.80 1.31 5.41
CA VAL A 12 12.04 1.27 4.64
C VAL A 12 12.00 0.19 3.57
N SER A 13 11.00 -0.68 3.67
CA SER A 13 10.85 -1.78 2.71
C SER A 13 10.15 -1.29 1.43
N GLN A 14 8.88 -0.95 1.55
CA GLN A 14 8.11 -0.47 0.40
C GLN A 14 8.39 1.01 0.14
N PRO A 15 8.27 1.46 -1.12
CA PRO A 15 8.51 2.86 -1.49
C PRO A 15 7.45 3.80 -0.95
N GLU A 16 6.28 3.25 -0.62
CA GLU A 16 5.18 4.05 -0.09
C GLU A 16 4.03 3.16 0.38
N ALA A 17 3.66 3.31 1.65
CA ALA A 17 2.58 2.51 2.22
C ALA A 17 1.40 3.38 2.62
N THR A 18 1.44 4.64 2.22
CA THR A 18 0.37 5.58 2.52
C THR A 18 -0.55 5.75 1.31
N LYS A 19 -0.12 5.20 0.18
CA LYS A 19 -0.90 5.27 -1.04
C LYS A 19 -2.20 4.48 -0.90
N CYS A 20 -2.08 3.27 -0.37
CA CYS A 20 -3.23 2.39 -0.18
C CYS A 20 -4.40 3.15 0.42
N PHE A 21 -5.21 3.75 -0.45
CA PHE A 21 -6.36 4.51 0.00
C PHE A 21 -7.53 4.38 -0.99
N GLN A 22 -7.33 4.80 -2.24
CA GLN A 22 -8.38 4.68 -3.24
C GLN A 22 -7.83 4.43 -4.63
N TRP A 23 -8.38 3.40 -5.25
CA TRP A 23 -8.01 2.98 -6.58
C TRP A 23 -9.24 2.43 -7.27
N GLN A 24 -9.51 1.15 -7.05
CA GLN A 24 -10.71 0.53 -7.58
C GLN A 24 -11.17 -0.58 -6.64
N ARG A 25 -12.48 -0.83 -6.61
CA ARG A 25 -13.06 -1.86 -5.75
C ARG A 25 -12.21 -3.14 -5.75
N ASN A 26 -11.53 -3.38 -6.87
CA ASN A 26 -10.63 -4.51 -7.01
C ASN A 26 -9.26 -3.95 -7.34
N MET A 27 -8.52 -3.56 -6.31
CA MET A 27 -7.23 -2.91 -6.47
C MET A 27 -6.37 -3.53 -7.58
N ARG A 28 -6.61 -3.04 -8.78
CA ARG A 28 -5.89 -3.50 -9.97
C ARG A 28 -5.73 -2.34 -10.96
N LYS A 29 -6.80 -1.56 -11.12
CA LYS A 29 -6.81 -0.43 -12.05
C LYS A 29 -7.40 0.81 -11.38
N VAL A 30 -6.52 1.69 -10.91
CA VAL A 30 -6.95 2.92 -10.22
C VAL A 30 -7.90 3.75 -11.10
N ARG A 31 -9.19 3.75 -10.76
CA ARG A 31 -10.16 4.52 -11.51
C ARG A 31 -11.28 5.08 -10.64
N GLY A 32 -12.01 4.20 -9.95
CA GLY A 32 -13.13 4.65 -9.11
C GLY A 32 -12.97 4.31 -7.63
N PRO A 33 -14.07 3.90 -6.95
CA PRO A 33 -14.04 3.57 -5.53
C PRO A 33 -13.15 2.35 -5.23
N PRO A 34 -12.54 2.30 -4.02
CA PRO A 34 -11.67 1.22 -3.60
C PRO A 34 -12.35 0.31 -2.57
N VAL A 35 -11.53 -0.39 -1.79
CA VAL A 35 -12.05 -1.27 -0.75
C VAL A 35 -11.12 -1.28 0.46
N SER A 36 -10.23 -2.28 0.53
CA SER A 36 -9.29 -2.38 1.65
C SER A 36 -7.96 -2.96 1.19
N CYS A 37 -6.91 -2.12 1.19
CA CYS A 37 -5.59 -2.57 0.79
C CYS A 37 -4.99 -3.46 1.86
N ILE A 38 -5.23 -3.12 3.12
CA ILE A 38 -4.72 -3.89 4.24
C ILE A 38 -5.87 -4.46 5.07
N LYS A 39 -5.83 -5.78 5.29
CA LYS A 39 -6.86 -6.45 6.07
C LYS A 39 -6.27 -7.05 7.34
N ARG A 40 -4.94 -7.04 7.43
CA ARG A 40 -4.24 -7.58 8.59
C ARG A 40 -4.63 -6.83 9.86
N ASP A 41 -4.38 -5.52 9.86
CA ASP A 41 -4.70 -4.68 11.01
C ASP A 41 -5.14 -3.30 10.55
N SER A 42 -5.85 -2.60 11.43
CA SER A 42 -6.35 -1.27 11.14
C SER A 42 -5.26 -0.21 11.36
N PRO A 43 -4.53 -0.25 12.50
CA PRO A 43 -3.46 0.71 12.80
C PRO A 43 -2.33 0.67 11.77
N ILE A 44 -1.14 1.11 12.17
CA ILE A 44 0.02 1.12 11.29
C ILE A 44 0.27 -0.25 10.69
N GLN A 45 1.11 -0.29 9.66
CA GLN A 45 1.44 -1.54 8.98
C GLN A 45 2.50 -2.33 9.76
N CYS A 46 3.36 -1.62 10.47
CA CYS A 46 4.41 -2.27 11.25
C CYS A 46 4.67 -1.54 12.56
N ILE A 47 5.33 -0.39 12.48
CA ILE A 47 5.65 0.40 13.67
C ILE A 47 5.14 1.84 13.52
N GLN A 48 4.63 2.39 14.61
CA GLN A 48 4.10 3.75 14.61
C GLN A 48 5.19 4.76 14.93
N ALA A 49 5.21 5.87 14.19
CA ALA A 49 6.21 6.91 14.40
C ALA A 49 5.60 8.29 14.22
N GLY A 1 13.49 -8.67 16.72
CA GLY A 1 12.42 -9.49 17.35
C GLY A 1 12.16 -10.78 16.60
N ARG A 2 11.43 -10.69 15.50
CA ARG A 2 11.10 -11.87 14.70
C ARG A 2 12.10 -12.01 13.54
N ARG A 3 12.83 -13.12 13.53
CA ARG A 3 13.82 -13.39 12.49
C ARG A 3 13.15 -13.50 11.12
N ARG A 4 11.85 -13.74 11.12
CA ARG A 4 11.10 -13.87 9.87
C ARG A 4 11.02 -12.53 9.15
N ARG A 5 11.26 -12.56 7.84
CA ARG A 5 11.22 -11.35 7.02
C ARG A 5 9.79 -10.85 6.82
N SER A 6 8.95 -11.70 6.24
CA SER A 6 7.55 -11.33 5.99
C SER A 6 6.71 -11.54 7.24
N VAL A 7 5.85 -10.57 7.53
CA VAL A 7 4.99 -10.62 8.70
C VAL A 7 3.55 -10.94 8.29
N GLN A 8 2.60 -10.67 9.18
CA GLN A 8 1.19 -10.95 8.91
C GLN A 8 0.32 -9.70 9.03
N TRP A 9 0.62 -8.70 8.22
CA TRP A 9 -0.15 -7.45 8.22
C TRP A 9 -0.23 -6.86 6.81
N CYS A 10 -0.25 -5.54 6.70
CA CYS A 10 -0.36 -4.89 5.39
C CYS A 10 0.98 -4.32 4.92
N ALA A 11 2.04 -4.63 5.65
CA ALA A 11 3.37 -4.16 5.29
C ALA A 11 3.96 -4.99 4.15
N VAL A 12 3.75 -6.30 4.24
CA VAL A 12 4.25 -7.22 3.22
C VAL A 12 3.11 -7.79 2.38
N SER A 13 2.15 -6.95 2.05
CA SER A 13 1.00 -7.36 1.26
C SER A 13 0.69 -6.35 0.17
N GLN A 14 0.97 -5.07 0.44
CA GLN A 14 0.72 -4.01 -0.52
C GLN A 14 1.95 -3.12 -0.69
N PRO A 15 2.28 -2.77 -1.95
CA PRO A 15 3.45 -1.91 -2.23
C PRO A 15 3.27 -0.50 -1.67
N GLU A 16 3.99 -0.21 -0.59
CA GLU A 16 3.90 1.11 0.05
C GLU A 16 2.50 1.38 0.58
N ALA A 17 2.33 1.23 1.88
CA ALA A 17 1.03 1.45 2.52
C ALA A 17 0.80 2.94 2.81
N THR A 18 1.61 3.79 2.20
CA THR A 18 1.49 5.23 2.40
C THR A 18 1.01 5.91 1.12
N LYS A 19 0.24 5.16 0.32
CA LYS A 19 -0.28 5.69 -0.93
C LYS A 19 -1.79 5.92 -0.84
N CYS A 20 -2.43 5.23 0.09
CA CYS A 20 -3.87 5.34 0.28
C CYS A 20 -4.36 6.79 0.25
N PHE A 21 -4.72 7.26 -0.96
CA PHE A 21 -5.23 8.62 -1.13
C PHE A 21 -6.32 8.65 -2.19
N GLN A 22 -6.12 9.41 -3.28
CA GLN A 22 -7.11 9.47 -4.34
C GLN A 22 -6.50 9.16 -5.69
N TRP A 23 -7.01 8.11 -6.29
CA TRP A 23 -6.59 7.63 -7.58
C TRP A 23 -7.76 7.78 -8.54
N GLN A 24 -8.51 6.70 -8.73
CA GLN A 24 -9.69 6.70 -9.57
C GLN A 24 -10.70 5.69 -9.03
N ARG A 25 -11.94 5.80 -9.46
CA ARG A 25 -12.98 4.86 -9.02
C ARG A 25 -12.49 3.42 -9.00
N ASN A 26 -11.72 3.06 -10.02
CA ASN A 26 -11.17 1.71 -10.12
C ASN A 26 -9.74 1.77 -10.63
N MET A 27 -8.90 2.54 -9.95
CA MET A 27 -7.51 2.70 -10.34
C MET A 27 -6.64 1.55 -9.86
N ARG A 28 -6.39 1.50 -8.56
CA ARG A 28 -5.55 0.43 -8.01
C ARG A 28 -6.13 -0.93 -8.39
N LYS A 29 -5.36 -1.68 -9.16
CA LYS A 29 -5.76 -3.01 -9.61
C LYS A 29 -5.79 -4.00 -8.46
N VAL A 30 -5.94 -3.49 -7.24
CA VAL A 30 -6.02 -4.32 -6.04
C VAL A 30 -7.25 -5.23 -6.10
N ARG A 31 -7.63 -5.78 -4.95
CA ARG A 31 -8.80 -6.65 -4.87
C ARG A 31 -9.97 -6.06 -5.65
N GLY A 32 -10.29 -4.81 -5.35
CA GLY A 32 -11.38 -4.12 -6.03
C GLY A 32 -11.07 -2.65 -6.21
N PRO A 33 -12.09 -1.77 -6.17
CA PRO A 33 -11.88 -0.33 -6.32
C PRO A 33 -10.86 0.17 -5.30
N PRO A 34 -9.91 1.03 -5.72
CA PRO A 34 -8.89 1.55 -4.80
C PRO A 34 -9.50 2.30 -3.65
N VAL A 35 -10.73 2.72 -3.87
CA VAL A 35 -11.50 3.49 -2.90
C VAL A 35 -11.38 2.92 -1.49
N SER A 36 -11.07 1.65 -1.38
CA SER A 36 -10.91 1.02 -0.08
C SER A 36 -9.44 0.75 0.24
N CYS A 37 -8.65 1.81 0.25
CA CYS A 37 -7.23 1.69 0.54
C CYS A 37 -7.00 1.53 2.04
N ILE A 38 -8.04 1.82 2.82
CA ILE A 38 -7.97 1.70 4.27
C ILE A 38 -8.46 0.34 4.73
N LYS A 39 -9.42 -0.21 3.99
CA LYS A 39 -9.99 -1.52 4.32
C LYS A 39 -9.08 -2.66 3.87
N ARG A 40 -7.92 -2.75 4.50
CA ARG A 40 -6.95 -3.79 4.17
C ARG A 40 -7.20 -5.04 5.01
N ASP A 41 -7.37 -4.84 6.31
CA ASP A 41 -7.61 -5.95 7.24
C ASP A 41 -8.72 -5.59 8.22
N SER A 42 -9.75 -6.44 8.27
CA SER A 42 -10.88 -6.22 9.16
C SER A 42 -10.64 -6.80 10.56
N PRO A 43 -10.12 -8.04 10.66
CA PRO A 43 -9.87 -8.68 11.95
C PRO A 43 -8.62 -8.15 12.63
N ILE A 44 -7.46 -8.64 12.23
CA ILE A 44 -6.19 -8.20 12.80
C ILE A 44 -5.77 -6.85 12.24
N GLN A 45 -5.46 -5.91 13.14
CA GLN A 45 -5.04 -4.58 12.72
C GLN A 45 -3.62 -4.61 12.16
N CYS A 46 -3.50 -4.38 10.86
CA CYS A 46 -2.20 -4.39 10.20
C CYS A 46 -1.33 -3.22 10.65
N ILE A 47 -0.39 -2.81 9.80
CA ILE A 47 0.52 -1.70 10.09
C ILE A 47 -0.11 -0.66 11.00
N GLN A 48 0.59 -0.34 12.08
CA GLN A 48 0.12 0.65 13.04
C GLN A 48 1.29 1.33 13.75
N ALA A 49 2.40 0.61 13.85
CA ALA A 49 3.60 1.14 14.50
C ALA A 49 4.84 0.83 13.67
N GLY A 1 11.77 -5.20 10.58
CA GLY A 1 12.96 -4.49 10.04
C GLY A 1 14.09 -5.45 9.68
N ARG A 2 14.77 -5.95 10.70
CA ARG A 2 15.88 -6.88 10.49
C ARG A 2 15.40 -8.33 10.55
N ARG A 3 14.53 -8.70 9.61
CA ARG A 3 14.00 -10.05 9.55
C ARG A 3 14.69 -10.87 8.45
N ARG A 4 14.27 -10.64 7.22
CA ARG A 4 14.85 -11.34 6.08
C ARG A 4 14.86 -10.46 4.83
N ARG A 5 15.77 -10.75 3.90
CA ARG A 5 15.88 -9.98 2.67
C ARG A 5 14.51 -9.81 2.00
N SER A 6 13.96 -10.92 1.51
CA SER A 6 12.65 -10.89 0.85
C SER A 6 11.54 -10.76 1.85
N VAL A 7 10.33 -10.57 1.34
CA VAL A 7 9.17 -10.46 2.17
C VAL A 7 8.20 -11.61 1.91
N GLN A 8 7.83 -12.26 2.99
CA GLN A 8 6.89 -13.39 2.94
C GLN A 8 5.70 -13.03 3.79
N TRP A 9 5.55 -11.74 3.97
CA TRP A 9 4.53 -11.19 4.82
C TRP A 9 4.01 -9.86 4.29
N CYS A 10 3.38 -9.13 5.21
CA CYS A 10 2.88 -7.80 4.95
C CYS A 10 4.02 -6.86 4.67
N ALA A 11 4.59 -7.00 3.49
CA ALA A 11 5.74 -6.20 3.11
C ALA A 11 5.47 -4.71 3.22
N VAL A 12 5.49 -4.21 4.45
CA VAL A 12 5.29 -2.80 4.71
C VAL A 12 6.33 -1.95 4.00
N SER A 13 7.39 -2.61 3.51
CA SER A 13 8.46 -1.92 2.82
C SER A 13 8.05 -1.52 1.40
N GLN A 14 6.77 -1.73 1.08
CA GLN A 14 6.27 -1.38 -0.24
C GLN A 14 6.52 0.10 -0.54
N PRO A 15 6.74 0.45 -1.82
CA PRO A 15 7.00 1.84 -2.23
C PRO A 15 5.76 2.72 -2.13
N GLU A 16 4.83 2.35 -1.27
CA GLU A 16 3.60 3.11 -1.10
C GLU A 16 2.86 2.72 0.19
N ALA A 17 3.62 2.42 1.23
CA ALA A 17 3.02 2.04 2.52
C ALA A 17 2.40 3.25 3.18
N THR A 18 2.59 4.39 2.56
CA THR A 18 2.06 5.64 3.06
C THR A 18 0.77 5.98 2.31
N LYS A 19 0.48 5.19 1.29
CA LYS A 19 -0.71 5.40 0.48
C LYS A 19 -1.56 4.14 0.38
N CYS A 20 -2.60 4.08 1.18
CA CYS A 20 -3.53 2.97 1.16
C CYS A 20 -4.93 3.49 1.46
N PHE A 21 -5.42 4.39 0.60
CA PHE A 21 -6.73 4.97 0.79
C PHE A 21 -7.46 5.26 -0.54
N GLN A 22 -6.92 6.17 -1.35
CA GLN A 22 -7.56 6.51 -2.62
C GLN A 22 -6.55 6.62 -3.76
N TRP A 23 -6.92 6.02 -4.89
CA TRP A 23 -6.09 6.00 -6.09
C TRP A 23 -6.99 6.15 -7.31
N GLN A 24 -7.42 5.02 -7.85
CA GLN A 24 -8.31 4.98 -8.99
C GLN A 24 -9.21 3.77 -8.88
N ARG A 25 -10.47 3.92 -9.28
CA ARG A 25 -11.42 2.81 -9.23
C ARG A 25 -10.82 1.54 -9.80
N ASN A 26 -9.75 1.67 -10.56
CA ASN A 26 -9.08 0.52 -11.17
C ASN A 26 -7.57 0.60 -10.94
N MET A 27 -7.16 0.60 -9.67
CA MET A 27 -5.74 0.67 -9.33
C MET A 27 -4.98 -0.46 -10.03
N ARG A 28 -5.34 -1.69 -9.69
CA ARG A 28 -4.71 -2.87 -10.27
C ARG A 28 -5.74 -3.99 -10.42
N LYS A 29 -6.48 -4.24 -9.34
CA LYS A 29 -7.49 -5.28 -9.33
C LYS A 29 -8.58 -4.96 -8.30
N VAL A 30 -8.75 -3.67 -8.02
CA VAL A 30 -9.75 -3.23 -7.06
C VAL A 30 -11.12 -3.12 -7.73
N ARG A 31 -12.17 -3.20 -6.92
CA ARG A 31 -13.54 -3.12 -7.43
C ARG A 31 -13.83 -1.73 -7.99
N GLY A 32 -14.92 -1.10 -7.57
CA GLY A 32 -15.24 0.23 -8.05
C GLY A 32 -14.22 1.25 -7.59
N PRO A 33 -14.64 2.48 -7.22
CA PRO A 33 -13.71 3.51 -6.74
C PRO A 33 -12.75 2.95 -5.70
N PRO A 34 -11.59 3.59 -5.48
CA PRO A 34 -10.60 3.13 -4.51
C PRO A 34 -11.23 2.56 -3.26
N VAL A 35 -10.76 1.38 -2.88
CA VAL A 35 -11.31 0.69 -1.72
C VAL A 35 -10.24 -0.12 -0.98
N SER A 36 -9.77 -1.19 -1.60
CA SER A 36 -8.78 -2.06 -0.99
C SER A 36 -7.39 -1.88 -1.61
N CYS A 37 -6.41 -1.59 -0.76
CA CYS A 37 -5.03 -1.40 -1.21
C CYS A 37 -4.20 -2.63 -0.85
N ILE A 38 -4.47 -3.19 0.32
CA ILE A 38 -3.76 -4.37 0.78
C ILE A 38 -3.75 -5.46 -0.28
N LYS A 39 -4.88 -5.62 -0.96
CA LYS A 39 -5.00 -6.63 -2.02
C LYS A 39 -4.12 -6.28 -3.21
N ARG A 40 -2.86 -6.71 -3.15
CA ARG A 40 -1.92 -6.44 -4.24
C ARG A 40 -1.82 -7.62 -5.20
N ASP A 41 -1.46 -8.79 -4.66
CA ASP A 41 -1.33 -9.99 -5.48
C ASP A 41 -2.00 -11.18 -4.80
N SER A 42 -1.74 -12.37 -5.32
CA SER A 42 -2.33 -13.59 -4.78
C SER A 42 -1.59 -14.04 -3.50
N PRO A 43 -0.25 -14.05 -3.51
CA PRO A 43 0.55 -14.47 -2.35
C PRO A 43 0.23 -13.67 -1.10
N ILE A 44 0.80 -14.09 0.03
CA ILE A 44 0.59 -13.40 1.31
C ILE A 44 0.76 -11.89 1.17
N GLN A 45 -0.36 -11.18 1.06
CA GLN A 45 -0.32 -9.73 0.93
C GLN A 45 0.14 -9.10 2.23
N CYS A 46 -0.80 -8.78 3.11
CA CYS A 46 -0.47 -8.17 4.38
C CYS A 46 -1.42 -8.63 5.50
N ILE A 47 -0.87 -8.78 6.70
CA ILE A 47 -1.65 -9.21 7.84
C ILE A 47 -1.59 -8.18 8.97
N GLN A 48 -0.55 -8.30 9.80
CA GLN A 48 -0.38 -7.39 10.93
C GLN A 48 1.03 -7.49 11.50
N ALA A 49 1.88 -6.52 11.17
CA ALA A 49 3.25 -6.51 11.65
C ALA A 49 3.31 -6.30 13.16
N GLY A 1 23.09 2.47 -3.57
CA GLY A 1 22.09 1.54 -4.18
C GLY A 1 20.79 1.48 -3.39
N ARG A 2 19.67 1.57 -4.11
CA ARG A 2 18.36 1.53 -3.46
C ARG A 2 17.62 0.23 -3.82
N ARG A 3 17.75 -0.78 -2.95
CA ARG A 3 17.10 -2.06 -3.17
C ARG A 3 16.45 -2.56 -1.89
N ARG A 4 16.06 -1.62 -1.03
CA ARG A 4 15.42 -1.96 0.23
C ARG A 4 13.94 -2.26 0.03
N ARG A 5 13.46 -3.33 0.67
CA ARG A 5 12.05 -3.71 0.56
C ARG A 5 11.40 -3.76 1.94
N SER A 6 12.02 -4.50 2.85
CA SER A 6 11.50 -4.64 4.21
C SER A 6 12.48 -4.04 5.22
N VAL A 7 12.34 -2.75 5.48
CA VAL A 7 13.20 -2.06 6.42
C VAL A 7 12.73 -2.28 7.87
N GLN A 8 13.17 -1.42 8.78
CA GLN A 8 12.81 -1.53 10.19
C GLN A 8 11.45 -0.91 10.48
N TRP A 9 10.51 -1.11 9.57
CA TRP A 9 9.16 -0.59 9.73
C TRP A 9 8.11 -1.61 9.36
N CYS A 10 6.86 -1.18 9.35
CA CYS A 10 5.75 -2.05 9.02
C CYS A 10 5.21 -1.73 7.63
N ALA A 11 6.11 -1.45 6.71
CA ALA A 11 5.75 -1.13 5.34
C ALA A 11 4.87 -2.21 4.71
N VAL A 12 4.97 -3.43 5.24
CA VAL A 12 4.18 -4.55 4.73
C VAL A 12 2.75 -4.51 5.26
N SER A 13 2.36 -3.39 5.84
CA SER A 13 1.01 -3.24 6.39
C SER A 13 -0.02 -3.08 5.28
N GLN A 14 0.30 -2.23 4.30
CA GLN A 14 -0.60 -1.99 3.18
C GLN A 14 0.18 -1.87 1.88
N PRO A 15 -0.46 -2.13 0.72
CA PRO A 15 0.19 -2.03 -0.59
C PRO A 15 0.87 -0.68 -0.77
N GLU A 16 2.18 -0.66 -0.57
CA GLU A 16 2.96 0.57 -0.68
C GLU A 16 2.52 1.57 0.38
N ALA A 17 3.21 1.55 1.51
CA ALA A 17 2.90 2.45 2.63
C ALA A 17 3.37 3.87 2.35
N THR A 18 3.45 4.23 1.06
CA THR A 18 3.89 5.56 0.67
C THR A 18 3.02 6.10 -0.45
N LYS A 19 2.21 5.23 -1.06
CA LYS A 19 1.34 5.62 -2.14
C LYS A 19 -0.13 5.51 -1.77
N CYS A 20 -0.44 4.80 -0.70
CA CYS A 20 -1.83 4.64 -0.26
C CYS A 20 -2.52 6.01 -0.35
N PHE A 21 -3.01 6.31 -1.54
CA PHE A 21 -3.62 7.61 -1.83
C PHE A 21 -5.04 7.47 -2.36
N GLN A 22 -5.41 8.45 -3.18
CA GLN A 22 -6.72 8.50 -3.79
C GLN A 22 -6.57 8.61 -5.29
N TRP A 23 -6.19 7.50 -5.88
CA TRP A 23 -6.00 7.43 -7.31
C TRP A 23 -7.30 7.77 -8.02
N GLN A 24 -8.08 6.75 -8.37
CA GLN A 24 -9.34 6.95 -9.04
C GLN A 24 -10.33 5.86 -8.66
N ARG A 25 -11.55 5.99 -9.17
CA ARG A 25 -12.60 5.01 -8.94
C ARG A 25 -12.11 3.58 -9.20
N ASN A 26 -11.37 3.41 -10.29
CA ASN A 26 -10.84 2.09 -10.65
C ASN A 26 -9.47 2.22 -11.33
N MET A 27 -8.47 2.59 -10.55
CA MET A 27 -7.12 2.74 -11.07
C MET A 27 -6.43 1.39 -11.24
N ARG A 28 -6.53 0.56 -10.21
CA ARG A 28 -5.92 -0.76 -10.23
C ARG A 28 -6.95 -1.82 -9.84
N LYS A 29 -6.71 -3.03 -10.30
CA LYS A 29 -7.61 -4.15 -10.00
C LYS A 29 -7.32 -4.70 -8.60
N VAL A 30 -7.21 -3.81 -7.63
CA VAL A 30 -6.96 -4.19 -6.25
C VAL A 30 -8.09 -5.04 -5.68
N ARG A 31 -8.07 -5.25 -4.37
CA ARG A 31 -9.09 -6.04 -3.70
C ARG A 31 -10.50 -5.59 -4.11
N GLY A 32 -10.82 -4.35 -3.81
CA GLY A 32 -12.13 -3.81 -4.16
C GLY A 32 -12.03 -2.68 -5.17
N PRO A 33 -12.96 -1.70 -5.11
CA PRO A 33 -12.96 -0.57 -6.02
C PRO A 33 -12.10 0.58 -5.49
N PRO A 34 -11.06 0.99 -6.23
CA PRO A 34 -10.17 2.07 -5.82
C PRO A 34 -10.91 3.38 -5.59
N VAL A 35 -10.74 3.94 -4.39
CA VAL A 35 -11.40 5.19 -4.01
C VAL A 35 -10.49 5.98 -3.08
N SER A 36 -10.40 5.52 -1.84
CA SER A 36 -9.58 6.18 -0.83
C SER A 36 -8.78 5.14 -0.05
N CYS A 37 -7.53 4.94 -0.46
CA CYS A 37 -6.64 3.97 0.18
C CYS A 37 -6.68 4.13 1.70
N ILE A 38 -6.55 5.36 2.18
CA ILE A 38 -6.59 5.64 3.61
C ILE A 38 -7.72 6.61 3.94
N LYS A 39 -8.45 6.32 5.02
CA LYS A 39 -9.57 7.16 5.43
C LYS A 39 -9.29 7.82 6.79
N ARG A 40 -8.05 7.71 7.25
CA ARG A 40 -7.68 8.29 8.55
C ARG A 40 -6.34 9.02 8.47
N ASP A 41 -5.26 8.28 8.76
CA ASP A 41 -3.92 8.86 8.73
C ASP A 41 -3.48 9.22 7.32
N SER A 42 -3.56 10.50 6.99
CA SER A 42 -3.17 10.97 5.67
C SER A 42 -1.64 11.07 5.52
N PRO A 43 -0.90 11.52 6.56
CA PRO A 43 0.56 11.62 6.47
C PRO A 43 1.25 10.27 6.59
N ILE A 44 1.28 9.72 7.79
CA ILE A 44 1.92 8.42 8.03
C ILE A 44 1.18 7.64 9.10
N GLN A 45 1.11 6.32 8.92
CA GLN A 45 0.42 5.45 9.87
C GLN A 45 1.36 4.35 10.35
N CYS A 46 2.37 4.04 9.54
CA CYS A 46 3.35 3.01 9.88
C CYS A 46 4.46 3.57 10.77
N ILE A 47 5.43 2.74 11.09
CA ILE A 47 6.57 3.14 11.93
C ILE A 47 7.15 4.48 11.50
N GLN A 48 8.11 4.46 10.58
CA GLN A 48 8.73 5.69 10.09
C GLN A 48 9.52 5.44 8.80
N ALA A 49 10.79 5.07 8.94
CA ALA A 49 11.65 4.80 7.80
C ALA A 49 12.62 3.67 8.08
N GLY A 1 27.47 8.98 -0.30
CA GLY A 1 26.94 9.75 0.87
C GLY A 1 27.29 9.10 2.19
N ARG A 2 26.46 9.31 3.19
CA ARG A 2 26.67 8.74 4.52
C ARG A 2 26.02 7.37 4.63
N ARG A 3 24.70 7.34 4.49
CA ARG A 3 23.95 6.09 4.59
C ARG A 3 22.80 6.07 3.57
N ARG A 4 22.66 4.95 2.87
CA ARG A 4 21.61 4.80 1.87
C ARG A 4 20.29 4.41 2.54
N ARG A 5 20.38 4.01 3.80
CA ARG A 5 19.18 3.62 4.56
C ARG A 5 18.26 4.81 4.76
N SER A 6 18.86 6.00 4.80
CA SER A 6 18.09 7.23 4.99
C SER A 6 18.65 8.34 4.10
N VAL A 7 18.12 8.45 2.88
CA VAL A 7 18.57 9.47 1.93
C VAL A 7 18.06 10.85 2.35
N GLN A 8 18.05 11.77 1.39
CA GLN A 8 17.60 13.14 1.65
C GLN A 8 16.08 13.23 1.61
N TRP A 9 15.43 12.17 2.06
CA TRP A 9 13.97 12.10 2.08
C TRP A 9 13.50 11.30 3.27
N CYS A 10 12.30 10.78 3.14
CA CYS A 10 11.71 9.94 4.16
C CYS A 10 11.72 8.51 3.67
N ALA A 11 10.54 7.97 3.48
CA ALA A 11 10.38 6.61 2.97
C ALA A 11 9.08 6.53 2.20
N VAL A 12 8.69 7.68 1.65
CA VAL A 12 7.44 7.79 0.89
C VAL A 12 7.23 6.63 -0.07
N SER A 13 8.32 6.09 -0.62
CA SER A 13 8.20 4.97 -1.56
C SER A 13 7.85 3.68 -0.82
N GLN A 14 6.57 3.29 -0.93
CA GLN A 14 6.09 2.08 -0.28
C GLN A 14 5.14 1.32 -1.21
N PRO A 15 4.99 -0.01 -1.01
CA PRO A 15 4.11 -0.84 -1.84
C PRO A 15 2.69 -0.29 -1.94
N GLU A 16 1.90 -0.49 -0.88
CA GLU A 16 0.52 -0.01 -0.87
C GLU A 16 -0.06 -0.05 0.54
N ALA A 17 0.77 -0.40 1.51
CA ALA A 17 0.33 -0.48 2.90
C ALA A 17 0.37 0.89 3.57
N THR A 18 0.74 1.90 2.79
CA THR A 18 0.81 3.26 3.29
C THR A 18 0.41 4.25 2.21
N LYS A 19 0.56 3.83 0.96
CA LYS A 19 0.22 4.68 -0.17
C LYS A 19 -1.29 4.84 -0.29
N CYS A 20 -2.03 4.15 0.56
CA CYS A 20 -3.48 4.21 0.53
C CYS A 20 -3.94 5.65 0.30
N PHE A 21 -4.14 5.95 -0.99
CA PHE A 21 -4.51 7.29 -1.42
C PHE A 21 -5.70 7.28 -2.37
N GLN A 22 -5.76 8.31 -3.20
CA GLN A 22 -6.82 8.48 -4.18
C GLN A 22 -6.24 8.39 -5.58
N TRP A 23 -5.77 7.20 -5.90
CA TRP A 23 -5.20 6.94 -7.21
C TRP A 23 -6.20 7.29 -8.30
N GLN A 24 -6.96 6.30 -8.73
CA GLN A 24 -7.96 6.52 -9.77
C GLN A 24 -9.16 5.59 -9.60
N ARG A 25 -10.11 5.76 -10.52
CA ARG A 25 -11.31 4.92 -10.58
C ARG A 25 -10.98 3.44 -10.51
N ASN A 26 -10.02 3.02 -11.32
CA ASN A 26 -9.59 1.63 -11.36
C ASN A 26 -8.10 1.55 -11.66
N MET A 27 -7.28 1.88 -10.67
CA MET A 27 -5.84 1.86 -10.84
C MET A 27 -5.35 0.42 -11.05
N ARG A 28 -5.54 -0.41 -10.04
CA ARG A 28 -5.10 -1.81 -10.13
C ARG A 28 -6.24 -2.76 -9.77
N LYS A 29 -6.23 -3.26 -8.54
CA LYS A 29 -7.26 -4.19 -8.07
C LYS A 29 -7.45 -4.08 -6.57
N VAL A 30 -7.90 -2.92 -6.12
CA VAL A 30 -8.13 -2.68 -4.70
C VAL A 30 -9.31 -3.54 -4.21
N ARG A 31 -9.65 -3.40 -2.93
CA ARG A 31 -10.74 -4.18 -2.35
C ARG A 31 -11.97 -4.19 -3.26
N GLY A 32 -12.35 -3.03 -3.76
CA GLY A 32 -13.50 -2.93 -4.65
C GLY A 32 -13.27 -1.95 -5.79
N PRO A 33 -14.07 -0.87 -5.87
CA PRO A 33 -13.93 0.14 -6.91
C PRO A 33 -12.98 1.26 -6.48
N PRO A 34 -11.77 1.32 -7.04
CA PRO A 34 -10.76 2.32 -6.68
C PRO A 34 -11.26 3.75 -6.86
N VAL A 35 -11.13 4.55 -5.80
CA VAL A 35 -11.55 5.95 -5.83
C VAL A 35 -10.66 6.79 -4.93
N SER A 36 -11.05 6.86 -3.65
CA SER A 36 -10.30 7.61 -2.65
C SER A 36 -10.20 6.80 -1.37
N CYS A 37 -9.02 6.24 -1.13
CA CYS A 37 -8.79 5.43 0.05
C CYS A 37 -9.12 6.22 1.31
N ILE A 38 -8.24 7.14 1.67
CA ILE A 38 -8.45 7.96 2.86
C ILE A 38 -7.90 9.38 2.66
N LYS A 39 -8.73 10.37 2.96
CA LYS A 39 -8.33 11.76 2.81
C LYS A 39 -7.74 12.29 4.11
N ARG A 40 -6.41 12.23 4.22
CA ARG A 40 -5.72 12.69 5.41
C ARG A 40 -4.68 13.74 5.06
N ASP A 41 -4.04 13.57 3.90
CA ASP A 41 -3.01 14.50 3.44
C ASP A 41 -3.18 14.80 1.95
N SER A 42 -3.13 16.08 1.61
CA SER A 42 -3.27 16.51 0.22
C SER A 42 -1.94 16.44 -0.53
N PRO A 43 -0.84 16.94 0.07
CA PRO A 43 0.48 16.93 -0.57
C PRO A 43 1.17 15.58 -0.44
N ILE A 44 2.47 15.56 -0.69
CA ILE A 44 3.25 14.33 -0.61
C ILE A 44 3.07 13.65 0.75
N GLN A 45 3.10 12.33 0.77
CA GLN A 45 2.93 11.57 2.00
C GLN A 45 3.92 12.03 3.07
N CYS A 46 5.15 11.52 3.00
CA CYS A 46 6.19 11.86 3.95
C CYS A 46 7.07 12.98 3.41
N ILE A 47 7.97 12.62 2.50
CA ILE A 47 8.87 13.59 1.88
C ILE A 47 9.08 13.28 0.40
N GLN A 48 9.08 14.33 -0.42
CA GLN A 48 9.26 14.18 -1.86
C GLN A 48 10.74 14.31 -2.24
N ALA A 49 11.19 13.46 -3.16
CA ALA A 49 12.57 13.48 -3.61
C ALA A 49 12.89 14.78 -4.35
N GLY A 1 2.84 -16.69 6.51
CA GLY A 1 1.77 -15.71 6.17
C GLY A 1 1.97 -14.38 6.85
N ARG A 2 3.13 -14.20 7.48
CA ARG A 2 3.44 -12.95 8.17
C ARG A 2 3.79 -11.85 7.18
N ARG A 3 4.01 -10.64 7.70
CA ARG A 3 4.35 -9.50 6.85
C ARG A 3 5.86 -9.26 6.83
N ARG A 4 6.34 -8.65 5.75
CA ARG A 4 7.76 -8.37 5.61
C ARG A 4 8.23 -7.34 6.62
N ARG A 5 8.90 -7.80 7.67
CA ARG A 5 9.41 -6.92 8.71
C ARG A 5 10.91 -7.14 8.92
N SER A 6 11.65 -6.05 9.14
CA SER A 6 13.10 -6.15 9.34
C SER A 6 13.49 -5.52 10.66
N VAL A 7 12.49 -5.10 11.38
CA VAL A 7 12.66 -4.46 12.68
C VAL A 7 11.49 -4.81 13.58
N GLN A 8 11.24 -3.97 14.58
CA GLN A 8 10.13 -4.19 15.49
C GLN A 8 8.89 -3.46 15.01
N TRP A 9 8.76 -3.33 13.70
CA TRP A 9 7.61 -2.65 13.10
C TRP A 9 7.21 -3.29 11.79
N CYS A 10 6.45 -2.52 11.01
CA CYS A 10 6.00 -2.91 9.71
C CYS A 10 6.42 -1.81 8.76
N ALA A 11 7.38 -2.12 7.90
CA ALA A 11 7.94 -1.18 6.94
C ALA A 11 6.87 -0.33 6.28
N VAL A 12 6.34 0.61 7.05
CA VAL A 12 5.31 1.52 6.56
C VAL A 12 5.86 2.41 5.44
N SER A 13 7.19 2.53 5.38
CA SER A 13 7.84 3.36 4.37
C SER A 13 7.67 2.77 2.96
N GLN A 14 7.12 1.57 2.88
CA GLN A 14 6.90 0.91 1.59
C GLN A 14 5.85 1.65 0.77
N PRO A 15 6.11 1.89 -0.53
CA PRO A 15 5.17 2.58 -1.41
C PRO A 15 4.09 1.67 -1.96
N GLU A 16 3.22 1.17 -1.08
CA GLU A 16 2.14 0.29 -1.49
C GLU A 16 1.18 0.03 -0.33
N ALA A 17 1.71 -0.51 0.77
CA ALA A 17 0.89 -0.81 1.94
C ALA A 17 0.57 0.46 2.73
N THR A 18 0.97 1.59 2.17
CA THR A 18 0.71 2.88 2.80
C THR A 18 0.23 3.88 1.76
N LYS A 19 0.61 3.64 0.51
CA LYS A 19 0.21 4.51 -0.59
C LYS A 19 -1.30 4.45 -0.78
N CYS A 20 -1.90 3.34 -0.39
CA CYS A 20 -3.33 3.14 -0.54
C CYS A 20 -4.10 4.39 -0.13
N PHE A 21 -4.43 5.23 -1.11
CA PHE A 21 -5.16 6.47 -0.84
C PHE A 21 -6.10 6.80 -2.01
N GLN A 22 -5.96 7.99 -2.60
CA GLN A 22 -6.78 8.37 -3.74
C GLN A 22 -5.96 8.35 -5.00
N TRP A 23 -6.19 7.34 -5.81
CA TRP A 23 -5.47 7.17 -7.04
C TRP A 23 -6.36 7.52 -8.23
N GLN A 24 -7.08 6.52 -8.71
CA GLN A 24 -7.99 6.69 -9.83
C GLN A 24 -9.18 5.76 -9.68
N ARG A 25 -10.27 6.11 -10.35
CA ARG A 25 -11.49 5.27 -10.32
C ARG A 25 -11.17 3.79 -10.47
N ASN A 26 -10.10 3.47 -11.17
CA ASN A 26 -9.71 2.07 -11.38
C ASN A 26 -8.19 1.90 -11.42
N MET A 27 -7.54 2.06 -10.26
CA MET A 27 -6.10 1.92 -10.17
C MET A 27 -5.68 0.46 -10.28
N ARG A 28 -6.16 -0.36 -9.36
CA ARG A 28 -5.85 -1.77 -9.34
C ARG A 28 -7.08 -2.59 -8.98
N LYS A 29 -6.91 -3.90 -8.89
CA LYS A 29 -8.02 -4.79 -8.54
C LYS A 29 -8.18 -4.90 -7.03
N VAL A 30 -8.42 -3.76 -6.39
CA VAL A 30 -8.61 -3.71 -4.94
C VAL A 30 -9.99 -4.24 -4.59
N ARG A 31 -10.39 -4.04 -3.33
CA ARG A 31 -11.71 -4.51 -2.85
C ARG A 31 -12.79 -4.17 -3.87
N GLY A 32 -12.82 -2.90 -4.28
CA GLY A 32 -13.81 -2.46 -5.26
C GLY A 32 -13.25 -1.41 -6.19
N PRO A 33 -14.07 -0.45 -6.65
CA PRO A 33 -13.62 0.62 -7.54
C PRO A 33 -12.72 1.61 -6.80
N PRO A 34 -11.41 1.63 -7.14
CA PRO A 34 -10.45 2.54 -6.50
C PRO A 34 -10.89 3.99 -6.57
N VAL A 35 -11.02 4.62 -5.41
CA VAL A 35 -11.42 6.02 -5.32
C VAL A 35 -10.77 6.68 -4.10
N SER A 36 -11.03 6.11 -2.93
CA SER A 36 -10.47 6.62 -1.68
C SER A 36 -10.19 5.46 -0.74
N CYS A 37 -8.92 5.29 -0.36
CA CYS A 37 -8.54 4.20 0.52
C CYS A 37 -8.64 4.60 2.00
N ILE A 38 -7.64 5.33 2.48
CA ILE A 38 -7.61 5.75 3.87
C ILE A 38 -8.91 6.44 4.27
N LYS A 39 -9.66 5.78 5.14
CA LYS A 39 -10.92 6.30 5.63
C LYS A 39 -11.17 5.88 7.08
N ARG A 40 -10.17 5.24 7.68
CA ARG A 40 -10.28 4.77 9.06
C ARG A 40 -9.24 5.44 9.94
N ASP A 41 -7.97 5.27 9.60
CA ASP A 41 -6.88 5.85 10.37
C ASP A 41 -6.04 6.79 9.52
N SER A 42 -5.93 8.05 9.98
CA SER A 42 -5.15 9.06 9.27
C SER A 42 -3.67 8.99 9.66
N PRO A 43 -3.35 8.89 10.97
CA PRO A 43 -1.96 8.82 11.44
C PRO A 43 -1.24 7.57 10.92
N ILE A 44 -0.21 7.14 11.65
CA ILE A 44 0.56 5.96 11.27
C ILE A 44 -0.37 4.79 10.97
N GLN A 45 -0.03 4.00 9.96
CA GLN A 45 -0.83 2.86 9.56
C GLN A 45 -0.35 1.59 10.26
N CYS A 46 0.90 1.20 9.99
CA CYS A 46 1.47 0.01 10.59
C CYS A 46 1.98 0.30 12.00
N ILE A 47 2.74 -0.64 12.56
CA ILE A 47 3.27 -0.49 13.91
C ILE A 47 3.99 0.84 14.08
N GLN A 48 3.87 1.41 15.28
CA GLN A 48 4.49 2.69 15.59
C GLN A 48 6.01 2.59 15.54
N ALA A 49 6.64 3.59 14.95
CA ALA A 49 8.09 3.62 14.82
C ALA A 49 8.74 4.13 16.10
N GLY A 1 18.09 -2.04 2.93
CA GLY A 1 19.26 -1.14 2.75
C GLY A 1 20.50 -1.88 2.31
N ARG A 2 21.21 -2.47 3.26
CA ARG A 2 22.42 -3.22 2.97
C ARG A 2 22.10 -4.69 2.70
N ARG A 3 20.96 -5.13 3.20
CA ARG A 3 20.54 -6.52 3.02
C ARG A 3 19.90 -6.72 1.65
N ARG A 4 19.23 -7.85 1.47
CA ARG A 4 18.58 -8.18 0.21
C ARG A 4 17.63 -7.05 -0.23
N ARG A 5 17.87 -6.51 -1.41
CA ARG A 5 17.04 -5.42 -1.93
C ARG A 5 15.80 -5.98 -2.63
N SER A 6 16.01 -6.98 -3.47
CA SER A 6 14.91 -7.61 -4.19
C SER A 6 14.68 -9.04 -3.73
N VAL A 7 13.58 -9.27 -3.01
CA VAL A 7 13.26 -10.60 -2.50
C VAL A 7 12.08 -11.20 -3.26
N GLN A 8 11.47 -12.24 -2.68
CA GLN A 8 10.34 -12.92 -3.32
C GLN A 8 9.01 -12.42 -2.76
N TRP A 9 8.83 -11.11 -2.76
CA TRP A 9 7.60 -10.50 -2.27
C TRP A 9 7.25 -9.25 -3.06
N CYS A 10 6.38 -8.42 -2.50
CA CYS A 10 5.96 -7.19 -3.16
C CYS A 10 6.43 -5.95 -2.42
N ALA A 11 7.04 -6.17 -1.25
CA ALA A 11 7.55 -5.06 -0.44
C ALA A 11 8.80 -4.44 -1.07
N VAL A 12 9.18 -4.95 -2.23
CA VAL A 12 10.36 -4.44 -2.94
C VAL A 12 9.97 -3.33 -3.92
N SER A 13 8.77 -3.44 -4.48
CA SER A 13 8.29 -2.45 -5.43
C SER A 13 7.08 -1.70 -4.88
N GLN A 14 7.02 -1.60 -3.55
CA GLN A 14 5.91 -0.91 -2.88
C GLN A 14 6.45 0.04 -1.81
N PRO A 15 7.11 1.14 -2.22
CA PRO A 15 7.65 2.13 -1.27
C PRO A 15 6.57 2.77 -0.42
N GLU A 16 5.41 3.02 -1.01
CA GLU A 16 4.30 3.64 -0.31
C GLU A 16 3.19 2.63 -0.03
N ALA A 17 3.15 2.10 1.19
CA ALA A 17 2.15 1.13 1.57
C ALA A 17 0.96 1.80 2.24
N THR A 18 0.76 3.08 1.92
CA THR A 18 -0.34 3.85 2.49
C THR A 18 -1.27 4.35 1.38
N LYS A 19 -0.82 4.21 0.14
CA LYS A 19 -1.60 4.66 -1.01
C LYS A 19 -2.92 3.90 -1.12
N CYS A 20 -2.92 2.64 -0.69
CA CYS A 20 -4.11 1.80 -0.74
C CYS A 20 -5.32 2.52 -0.14
N PHE A 21 -6.07 3.25 -0.98
CA PHE A 21 -7.24 3.96 -0.53
C PHE A 21 -8.39 3.84 -1.54
N GLN A 22 -8.19 4.32 -2.77
CA GLN A 22 -9.23 4.23 -3.79
C GLN A 22 -8.65 4.08 -5.19
N TRP A 23 -9.15 3.09 -5.94
CA TRP A 23 -8.66 2.82 -7.30
C TRP A 23 -9.75 2.32 -8.25
N GLN A 24 -10.14 1.06 -8.11
CA GLN A 24 -11.17 0.50 -8.95
C GLN A 24 -12.02 -0.51 -8.21
N ARG A 25 -11.45 -1.67 -7.94
CA ARG A 25 -12.16 -2.72 -7.23
C ARG A 25 -11.21 -3.56 -6.37
N ASN A 26 -10.02 -3.78 -6.88
CA ASN A 26 -9.01 -4.57 -6.18
C ASN A 26 -7.61 -4.01 -6.37
N MET A 27 -7.47 -3.04 -7.26
CA MET A 27 -6.18 -2.45 -7.55
C MET A 27 -5.62 -1.68 -6.37
N ARG A 28 -4.54 -0.98 -6.64
CA ARG A 28 -3.88 -0.12 -5.66
C ARG A 28 -3.18 1.02 -6.37
N LYS A 29 -3.82 1.54 -7.42
CA LYS A 29 -3.23 2.60 -8.23
C LYS A 29 -4.19 3.73 -8.54
N VAL A 30 -5.05 3.50 -9.53
CA VAL A 30 -6.05 4.48 -9.98
C VAL A 30 -6.93 5.00 -8.85
N ARG A 31 -8.07 5.60 -9.22
CA ARG A 31 -9.02 6.15 -8.25
C ARG A 31 -10.47 6.00 -8.74
N GLY A 32 -11.19 5.02 -8.21
CA GLY A 32 -12.58 4.78 -8.61
C GLY A 32 -13.45 4.25 -7.47
N PRO A 33 -14.24 3.17 -7.70
CA PRO A 33 -15.09 2.55 -6.68
C PRO A 33 -14.57 1.19 -6.18
N PRO A 34 -13.36 1.15 -5.60
CA PRO A 34 -12.72 -0.07 -5.07
C PRO A 34 -13.36 -0.62 -3.81
N VAL A 35 -12.63 -1.54 -3.19
CA VAL A 35 -13.05 -2.17 -1.95
C VAL A 35 -11.85 -2.49 -1.06
N SER A 36 -10.95 -3.33 -1.57
CA SER A 36 -9.75 -3.71 -0.84
C SER A 36 -8.56 -3.92 -1.78
N CYS A 37 -7.35 -3.57 -1.31
CA CYS A 37 -6.15 -3.73 -2.13
C CYS A 37 -5.51 -5.09 -1.90
N ILE A 38 -5.01 -5.33 -0.69
CA ILE A 38 -4.38 -6.60 -0.36
C ILE A 38 -4.91 -7.13 0.97
N LYS A 39 -5.80 -8.11 0.91
CA LYS A 39 -6.37 -8.71 2.10
C LYS A 39 -6.01 -10.19 2.20
N ARG A 40 -4.96 -10.58 1.49
CA ARG A 40 -4.50 -11.96 1.49
C ARG A 40 -3.59 -12.24 2.68
N ASP A 41 -3.16 -11.17 3.35
CA ASP A 41 -2.28 -11.30 4.50
C ASP A 41 -2.71 -10.36 5.63
N SER A 42 -2.74 -10.88 6.85
CA SER A 42 -3.14 -10.09 8.02
C SER A 42 -1.93 -9.37 8.66
N PRO A 43 -0.81 -10.09 8.89
CA PRO A 43 0.38 -9.49 9.51
C PRO A 43 0.83 -8.22 8.80
N ILE A 44 1.18 -8.35 7.52
CA ILE A 44 1.63 -7.22 6.72
C ILE A 44 0.75 -7.05 5.49
N GLN A 45 0.87 -5.89 4.85
CA GLN A 45 0.07 -5.59 3.66
C GLN A 45 0.70 -6.17 2.39
N CYS A 46 1.64 -7.10 2.58
CA CYS A 46 2.32 -7.72 1.45
C CYS A 46 2.52 -9.22 1.70
N ILE A 47 3.01 -9.92 0.69
CA ILE A 47 3.26 -11.35 0.79
C ILE A 47 4.09 -11.68 2.02
N GLN A 48 3.80 -12.82 2.63
CA GLN A 48 4.52 -13.26 3.83
C GLN A 48 6.01 -13.39 3.56
N ALA A 49 6.81 -12.71 4.36
CA ALA A 49 8.27 -12.73 4.21
C ALA A 49 8.84 -14.07 4.67
N GLY A 1 16.49 -12.38 7.08
CA GLY A 1 16.09 -13.57 7.87
C GLY A 1 16.78 -13.63 9.22
N ARG A 2 17.63 -12.63 9.50
CA ARG A 2 18.35 -12.57 10.76
C ARG A 2 17.65 -11.67 11.76
N ARG A 3 17.55 -10.38 11.41
CA ARG A 3 16.90 -9.40 12.27
C ARG A 3 15.93 -8.53 11.49
N ARG A 4 15.85 -8.78 10.18
CA ARG A 4 14.96 -8.01 9.31
C ARG A 4 13.54 -8.58 9.35
N ARG A 5 12.62 -7.84 9.95
CA ARG A 5 11.23 -8.27 10.05
C ARG A 5 10.54 -8.22 8.69
N SER A 6 11.07 -7.37 7.81
CA SER A 6 10.52 -7.22 6.47
C SER A 6 10.60 -8.52 5.68
N VAL A 7 9.53 -8.84 4.96
CA VAL A 7 9.48 -10.08 4.17
C VAL A 7 9.53 -9.76 2.68
N GLN A 8 9.08 -10.70 1.86
CA GLN A 8 9.10 -10.53 0.41
C GLN A 8 7.70 -10.66 -0.20
N TRP A 9 6.77 -9.83 0.27
CA TRP A 9 5.41 -9.85 -0.23
C TRP A 9 4.80 -8.44 -0.22
N CYS A 10 3.48 -8.34 -0.37
CA CYS A 10 2.80 -7.06 -0.40
C CYS A 10 2.57 -6.51 1.01
N ALA A 11 2.55 -7.40 2.00
CA ALA A 11 2.32 -7.00 3.38
C ALA A 11 3.25 -5.88 3.81
N VAL A 12 4.44 -5.83 3.20
CA VAL A 12 5.42 -4.80 3.53
C VAL A 12 5.92 -4.09 2.28
N SER A 13 6.16 -4.86 1.22
CA SER A 13 6.65 -4.31 -0.03
C SER A 13 5.59 -4.37 -1.12
N GLN A 14 4.76 -3.33 -1.21
CA GLN A 14 3.71 -3.27 -2.23
C GLN A 14 3.63 -1.87 -2.84
N PRO A 15 3.47 -1.78 -4.18
CA PRO A 15 3.37 -0.49 -4.87
C PRO A 15 2.08 0.24 -4.52
N GLU A 16 1.75 1.27 -5.31
CA GLU A 16 0.54 2.03 -5.07
C GLU A 16 -0.68 1.30 -5.62
N ALA A 17 -0.96 0.14 -5.03
CA ALA A 17 -2.09 -0.69 -5.44
C ALA A 17 -2.73 -1.36 -4.23
N THR A 18 -3.39 -0.58 -3.41
CA THR A 18 -4.10 -1.11 -2.26
C THR A 18 -5.54 -0.60 -2.24
N LYS A 19 -5.75 0.72 -2.45
CA LYS A 19 -7.11 1.32 -2.47
C LYS A 19 -7.48 1.56 -3.94
N CYS A 20 -8.75 1.41 -4.36
CA CYS A 20 -9.02 1.61 -5.79
C CYS A 20 -10.33 2.33 -6.14
N PHE A 21 -11.18 2.71 -5.20
CA PHE A 21 -12.44 3.32 -5.61
C PHE A 21 -12.27 4.50 -6.59
N GLN A 22 -11.76 5.67 -6.18
CA GLN A 22 -11.65 6.76 -7.17
C GLN A 22 -10.51 7.76 -7.01
N TRP A 23 -10.50 8.39 -5.85
CA TRP A 23 -9.62 9.52 -5.51
C TRP A 23 -8.29 9.56 -6.28
N GLN A 24 -7.18 9.45 -5.58
CA GLN A 24 -5.88 9.48 -6.22
C GLN A 24 -5.34 8.07 -6.43
N ARG A 25 -5.18 7.70 -7.70
CA ARG A 25 -4.67 6.39 -8.10
C ARG A 25 -3.48 5.88 -7.25
N ASN A 26 -2.99 6.70 -6.32
CA ASN A 26 -1.87 6.28 -5.46
C ASN A 26 -2.26 6.37 -3.98
N MET A 27 -3.53 6.06 -3.67
CA MET A 27 -4.01 6.11 -2.30
C MET A 27 -4.19 4.69 -1.74
N ARG A 28 -3.21 3.85 -2.00
CA ARG A 28 -3.21 2.44 -1.58
C ARG A 28 -3.73 2.25 -0.14
N LYS A 29 -4.91 1.60 -0.01
CA LYS A 29 -5.53 1.33 1.30
C LYS A 29 -6.69 0.28 1.27
N VAL A 30 -7.03 -0.33 0.11
CA VAL A 30 -8.14 -1.31 0.06
C VAL A 30 -7.78 -2.75 -0.44
N ARG A 31 -8.05 -3.11 -1.74
CA ARG A 31 -7.78 -4.51 -2.16
C ARG A 31 -7.27 -4.83 -3.62
N GLY A 32 -8.00 -4.52 -4.74
CA GLY A 32 -7.53 -4.97 -6.08
C GLY A 32 -7.51 -4.00 -7.32
N PRO A 33 -8.68 -3.73 -8.01
CA PRO A 33 -8.80 -2.86 -9.24
C PRO A 33 -7.93 -1.57 -9.27
N PRO A 34 -8.28 -0.41 -9.99
CA PRO A 34 -7.40 0.77 -10.09
C PRO A 34 -6.13 0.55 -9.34
N VAL A 35 -5.87 1.34 -8.34
CA VAL A 35 -4.73 1.02 -7.54
C VAL A 35 -5.14 -0.35 -6.95
N SER A 36 -5.96 -0.44 -5.88
CA SER A 36 -6.50 -1.75 -5.46
C SER A 36 -7.79 -1.65 -4.61
N CYS A 37 -8.88 -2.33 -4.97
CA CYS A 37 -10.11 -2.23 -4.16
C CYS A 37 -10.88 -3.56 -4.00
N ILE A 38 -10.51 -4.60 -4.74
CA ILE A 38 -11.21 -5.88 -4.62
C ILE A 38 -10.29 -7.01 -4.13
N LYS A 39 -9.20 -7.26 -4.86
CA LYS A 39 -8.25 -8.33 -4.50
C LYS A 39 -7.95 -8.33 -3.00
N ARG A 40 -8.66 -9.16 -2.26
CA ARG A 40 -8.49 -9.26 -0.82
C ARG A 40 -7.28 -10.12 -0.46
N ASP A 41 -7.50 -11.42 -0.31
CA ASP A 41 -6.43 -12.36 0.04
C ASP A 41 -6.63 -13.70 -0.65
N SER A 42 -5.63 -14.13 -1.40
CA SER A 42 -5.71 -15.41 -2.10
C SER A 42 -5.01 -16.51 -1.32
N PRO A 43 -3.75 -16.30 -0.88
CA PRO A 43 -3.01 -17.30 -0.12
C PRO A 43 -3.17 -17.10 1.39
N ILE A 44 -2.44 -16.13 1.93
CA ILE A 44 -2.50 -15.83 3.35
C ILE A 44 -2.37 -14.34 3.59
N GLN A 45 -2.16 -13.65 2.50
CA GLN A 45 -2.00 -12.20 2.51
C GLN A 45 -2.08 -11.64 1.10
N CYS A 46 -0.98 -11.77 0.36
CA CYS A 46 -0.91 -11.29 -1.01
C CYS A 46 -0.04 -12.21 -1.86
N ILE A 47 1.22 -12.38 -1.44
CA ILE A 47 2.16 -13.24 -2.15
C ILE A 47 2.72 -14.31 -1.21
N GLN A 48 2.83 -15.53 -1.73
CA GLN A 48 3.36 -16.64 -0.95
C GLN A 48 4.77 -16.33 -0.43
N ALA A 49 4.86 -16.00 0.85
CA ALA A 49 6.14 -15.68 1.46
C ALA A 49 6.82 -16.93 2.00
#